data_3HW5
#
_entry.id   3HW5
#
_cell.length_a   51.617
_cell.length_b   60.029
_cell.length_c   67.177
_cell.angle_alpha   96.02
_cell.angle_beta   96.22
_cell.angle_gamma   109.35
#
_symmetry.space_group_name_H-M   'P 1'
#
loop_
_entity.id
_entity.type
_entity.pdbx_description
1 polymer 'Polymerase acidic protein'
2 non-polymer 'MAGNESIUM ION'
3 non-polymer 'ADENOSINE MONOPHOSPHATE'
4 water water
#
_entity_poly.entity_id   1
_entity_poly.type   'polypeptide(L)'
_entity_poly.pdbx_seq_one_letter_code
;GPLGSMEDFVRQCFNPMIVELAEKAMKEYGEDPKIETNKFAAICTHLEVCFMYSDFHFIDERGESTIIESGDPNALLKHR
FEIIEGRDRTMAWTVVNSICNTTGVEKPKFLPDLYDYKENRFIEIGVTRREVHTYYLEKANKIKSEKTHIHIFSFTGEEM
ATKADYTLDEESRARIKTRLFTIRQEMASRGLWDSFRQSERGEETIEERFEITGTMCRLADQSLPPNFSSLEKFRAYVDG
FEPNGCIEGKLSQMSKEVNAR
;
_entity_poly.pdbx_strand_id   A,B,C,D
#
# COMPACT_ATOMS: atom_id res chain seq x y z
N PRO A 2 -8.60 35.07 17.44
CA PRO A 2 -9.59 34.01 17.53
C PRO A 2 -10.15 33.55 16.15
N LEU A 3 -9.31 33.58 15.09
CA LEU A 3 -9.52 32.68 13.92
C LEU A 3 -8.51 31.54 13.95
N GLY A 4 -9.05 30.32 14.02
CA GLY A 4 -8.26 29.15 14.22
C GLY A 4 -7.73 28.65 12.86
N SER A 5 -7.14 27.49 12.87
CA SER A 5 -6.65 26.87 11.62
C SER A 5 -7.62 25.81 11.25
N MET A 6 -8.13 25.87 10.01
CA MET A 6 -9.04 24.79 9.54
C MET A 6 -8.31 23.44 9.44
N GLU A 7 -7.06 23.44 8.97
CA GLU A 7 -6.31 22.19 9.07
C GLU A 7 -6.28 21.59 10.47
N ASP A 8 -5.91 22.36 11.49
CA ASP A 8 -5.91 21.73 12.82
C ASP A 8 -7.31 21.24 13.27
N PHE A 9 -8.38 21.95 12.88
CA PHE A 9 -9.76 21.55 13.20
C PHE A 9 -10.08 20.18 12.59
N VAL A 10 -9.74 20.05 11.32
CA VAL A 10 -9.99 18.80 10.59
C VAL A 10 -9.30 17.62 11.32
N ARG A 11 -8.03 17.80 11.68
CA ARG A 11 -7.29 16.66 12.26
C ARG A 11 -7.75 16.39 13.67
N GLN A 12 -8.40 17.36 14.31
CA GLN A 12 -8.84 17.17 15.70
C GLN A 12 -10.27 16.70 15.84
N CYS A 13 -11.13 17.01 14.86
CA CYS A 13 -12.59 16.77 15.02
C CYS A 13 -13.21 15.72 14.12
N PHE A 14 -12.40 15.24 13.17
CA PHE A 14 -12.74 14.07 12.42
C PHE A 14 -11.85 12.90 12.79
N ASN A 15 -12.48 11.73 12.83
CA ASN A 15 -11.86 10.40 12.95
C ASN A 15 -10.62 10.32 12.03
N PRO A 16 -9.49 9.73 12.50
CA PRO A 16 -8.32 9.75 11.61
C PRO A 16 -8.45 8.94 10.32
N MET A 17 -9.31 7.91 10.31
CA MET A 17 -9.58 7.07 9.13
C MET A 17 -10.21 7.99 8.09
N ILE A 18 -11.15 8.82 8.56
CA ILE A 18 -11.77 9.78 7.65
C ILE A 18 -10.75 10.80 7.10
N VAL A 19 -9.94 11.35 8.00
CA VAL A 19 -8.96 12.36 7.56
C VAL A 19 -7.96 11.73 6.53
N GLU A 20 -7.45 10.56 6.84
CA GLU A 20 -6.55 9.88 5.90
C GLU A 20 -7.16 9.62 4.49
N LEU A 21 -8.40 9.14 4.47
CA LEU A 21 -9.13 9.03 3.19
C LEU A 21 -9.31 10.30 2.44
N ALA A 22 -9.66 11.35 3.18
CA ALA A 22 -9.76 12.66 2.61
C ALA A 22 -8.41 13.18 2.07
N GLU A 23 -7.30 12.96 2.79
CA GLU A 23 -6.00 13.43 2.27
C GLU A 23 -5.64 12.65 1.01
N LYS A 24 -5.87 11.36 1.05
CA LYS A 24 -5.64 10.48 -0.10
C LYS A 24 -6.40 11.00 -1.28
N ALA A 25 -7.71 11.33 -1.11
CA ALA A 25 -8.54 11.88 -2.20
C ALA A 25 -8.03 13.24 -2.76
N MET A 26 -7.45 14.08 -1.88
CA MET A 26 -6.98 15.43 -2.31
C MET A 26 -5.65 15.34 -3.11
N LYS A 27 -4.79 14.49 -2.59
CA LYS A 27 -3.47 14.28 -3.16
C LYS A 27 -3.58 13.67 -4.56
N GLU A 28 -4.47 12.69 -4.71
CA GLU A 28 -4.87 12.17 -6.07
C GLU A 28 -5.18 13.24 -7.09
N TYR A 29 -5.84 14.32 -6.67
CA TYR A 29 -6.07 15.46 -7.59
C TYR A 29 -5.14 16.68 -7.52
N GLY A 30 -3.99 16.51 -6.87
CA GLY A 30 -2.98 17.56 -6.76
C GLY A 30 -3.44 18.73 -5.87
N GLU A 31 -4.44 18.52 -5.04
CA GLU A 31 -4.80 19.56 -4.07
C GLU A 31 -4.13 19.27 -2.74
N ASP A 32 -3.57 20.31 -2.11
CA ASP A 32 -2.87 20.10 -0.90
C ASP A 32 -3.84 20.33 0.29
N PRO A 33 -4.01 19.33 1.20
CA PRO A 33 -4.83 19.53 2.43
C PRO A 33 -4.38 20.73 3.35
N LYS A 34 -3.09 21.09 3.31
CA LYS A 34 -2.57 22.24 4.10
C LYS A 34 -2.97 23.57 3.51
N ILE A 35 -3.34 23.57 2.25
CA ILE A 35 -3.60 24.79 1.55
C ILE A 35 -5.07 24.94 1.36
N GLU A 36 -5.64 23.99 0.63
CA GLU A 36 -7.05 24.05 0.29
C GLU A 36 -7.85 23.47 1.47
N THR A 37 -7.81 24.17 2.59
CA THR A 37 -8.35 23.56 3.83
C THR A 37 -9.92 23.53 3.95
N ASN A 38 -10.63 24.53 3.45
CA ASN A 38 -12.13 24.48 3.38
C ASN A 38 -12.56 23.26 2.55
N LYS A 39 -11.88 23.02 1.45
CA LYS A 39 -12.09 21.79 0.68
C LYS A 39 -11.81 20.50 1.41
N PHE A 40 -10.69 20.43 2.17
CA PHE A 40 -10.34 19.33 3.04
C PHE A 40 -11.48 19.01 4.05
N ALA A 41 -12.00 20.08 4.67
CA ALA A 41 -13.12 19.92 5.63
C ALA A 41 -14.38 19.37 4.94
N ALA A 42 -14.70 19.96 3.81
CA ALA A 42 -15.90 19.49 3.00
C ALA A 42 -15.77 18.03 2.63
N ILE A 43 -14.57 17.65 2.15
CA ILE A 43 -14.31 16.27 1.87
C ILE A 43 -14.47 15.28 3.00
N CYS A 44 -13.82 15.54 4.12
CA CYS A 44 -14.05 14.79 5.33
C CYS A 44 -15.57 14.77 5.68
N THR A 45 -16.22 15.93 5.67
CA THR A 45 -17.66 15.91 6.05
C THR A 45 -18.45 14.96 5.13
N HIS A 46 -18.23 15.08 3.82
CA HIS A 46 -18.96 14.22 2.88
C HIS A 46 -18.59 12.76 3.10
N LEU A 47 -17.30 12.45 3.37
CA LEU A 47 -17.01 11.07 3.75
C LEU A 47 -17.76 10.60 4.99
N GLU A 48 -17.76 11.43 6.05
CA GLU A 48 -18.41 10.99 7.27
C GLU A 48 -19.89 10.74 7.01
N VAL A 49 -20.53 11.57 6.20
CA VAL A 49 -21.95 11.31 5.88
C VAL A 49 -22.17 10.01 5.15
N CYS A 50 -21.29 9.71 4.21
CA CYS A 50 -21.39 8.43 3.50
C CYS A 50 -21.30 7.26 4.43
N PHE A 51 -20.39 7.35 5.41
CA PHE A 51 -20.22 6.25 6.32
C PHE A 51 -21.36 6.11 7.26
N MET A 52 -21.89 7.24 7.69
CA MET A 52 -23.09 7.21 8.57
C MET A 52 -24.32 6.66 7.82
N TYR A 53 -24.48 7.05 6.56
CA TYR A 53 -25.64 6.65 5.77
C TYR A 53 -25.63 5.12 5.61
N SER A 54 -24.43 4.57 5.41
CA SER A 54 -24.31 3.16 5.17
C SER A 54 -24.00 2.29 6.38
N ARG A 80 -26.74 -3.75 4.02
CA ARG A 80 -27.53 -3.14 3.00
C ARG A 80 -26.72 -2.35 2.00
N PHE A 81 -25.67 -1.67 2.45
CA PHE A 81 -24.99 -0.73 1.53
C PHE A 81 -23.53 -1.08 1.28
N GLU A 82 -23.11 -0.88 0.04
CA GLU A 82 -21.70 -1.09 -0.29
C GLU A 82 -21.10 0.30 -0.37
N ILE A 83 -20.03 0.55 0.36
CA ILE A 83 -19.41 1.88 0.27
C ILE A 83 -18.53 1.96 -1.01
N ILE A 84 -18.68 3.05 -1.78
CA ILE A 84 -17.86 3.21 -2.97
C ILE A 84 -16.90 4.39 -2.74
N GLU A 85 -17.47 5.52 -2.28
CA GLU A 85 -16.66 6.67 -1.91
C GLU A 85 -15.60 6.29 -0.90
N GLY A 86 -14.45 6.90 -1.01
CA GLY A 86 -13.36 6.58 -0.06
C GLY A 86 -12.32 5.57 -0.58
N ARG A 87 -12.77 4.70 -1.45
CA ARG A 87 -11.92 3.69 -2.12
C ARG A 87 -10.98 4.30 -3.12
N ASP A 88 -9.80 3.63 -3.31
CA ASP A 88 -8.91 3.89 -4.45
C ASP A 88 -9.78 3.72 -5.69
N ARG A 89 -9.54 4.57 -6.67
CA ARG A 89 -10.33 4.67 -7.93
C ARG A 89 -10.35 3.33 -8.67
N THR A 90 -9.22 2.64 -8.71
CA THR A 90 -9.24 1.29 -9.40
C THR A 90 -10.09 0.29 -8.63
N MET A 91 -9.93 0.23 -7.31
CA MET A 91 -10.87 -0.63 -6.53
C MET A 91 -12.35 -0.17 -6.61
N ALA A 92 -12.60 1.15 -6.62
CA ALA A 92 -14.00 1.71 -6.66
C ALA A 92 -14.65 1.26 -7.99
N TRP A 93 -13.92 1.42 -9.10
CA TRP A 93 -14.49 0.96 -10.42
C TRP A 93 -14.65 -0.56 -10.52
N THR A 94 -13.71 -1.33 -9.95
CA THR A 94 -13.83 -2.79 -9.81
C THR A 94 -15.12 -3.18 -9.07
N VAL A 95 -15.35 -2.49 -7.98
CA VAL A 95 -16.58 -2.75 -7.18
C VAL A 95 -17.82 -2.34 -7.99
N VAL A 96 -17.82 -1.14 -8.59
CA VAL A 96 -18.93 -0.75 -9.46
C VAL A 96 -19.25 -1.75 -10.64
N ASN A 97 -18.21 -2.15 -11.34
CA ASN A 97 -18.37 -3.06 -12.43
C ASN A 97 -18.86 -4.41 -11.99
N SER A 98 -18.36 -4.86 -10.86
CA SER A 98 -18.71 -6.10 -10.27
C SER A 98 -20.19 -6.18 -9.87
N ILE A 99 -20.68 -5.09 -9.26
CA ILE A 99 -22.12 -4.96 -9.01
C ILE A 99 -22.95 -4.87 -10.32
N CYS A 100 -22.52 -4.06 -11.25
CA CYS A 100 -23.25 -3.90 -12.52
C CYS A 100 -23.31 -5.15 -13.37
N ASN A 101 -22.20 -5.88 -13.42
CA ASN A 101 -22.33 -7.12 -14.18
C ASN A 101 -22.94 -8.29 -13.41
N THR A 102 -23.05 -8.18 -12.09
CA THR A 102 -23.91 -9.11 -11.29
C THR A 102 -25.40 -8.82 -11.33
N THR A 103 -25.75 -7.54 -11.43
CA THR A 103 -27.16 -7.14 -11.35
C THR A 103 -27.62 -6.57 -12.68
N GLY A 104 -28.85 -6.14 -12.79
CA GLY A 104 -29.19 -5.56 -14.10
C GLY A 104 -28.45 -4.25 -14.37
N VAL A 105 -27.96 -3.64 -13.28
CA VAL A 105 -27.94 -2.17 -13.20
C VAL A 105 -27.11 -1.44 -14.27
N GLU A 106 -27.66 -0.36 -14.79
CA GLU A 106 -26.93 0.57 -15.65
C GLU A 106 -25.63 0.94 -14.92
N LYS A 107 -24.54 1.07 -15.67
CA LYS A 107 -23.25 1.46 -15.15
C LYS A 107 -23.20 2.99 -15.14
N PRO A 108 -22.91 3.56 -13.98
CA PRO A 108 -22.81 5.02 -13.89
C PRO A 108 -21.70 5.56 -14.77
N LYS A 109 -21.87 6.75 -15.31
CA LYS A 109 -20.78 7.48 -15.96
C LYS A 109 -19.68 8.08 -15.02
N PHE A 110 -20.02 8.24 -13.72
CA PHE A 110 -19.08 8.80 -12.72
C PHE A 110 -18.84 8.00 -11.51
N LEU A 111 -19.62 7.15 -11.05
CA LEU A 111 -18.71 6.71 -9.77
C LEU A 111 -19.47 7.42 -8.71
N PRO A 112 -20.37 6.68 -8.21
CA PRO A 112 -21.28 7.15 -7.14
C PRO A 112 -20.66 6.97 -5.74
N ASP A 113 -21.48 7.17 -4.71
CA ASP A 113 -20.97 7.05 -3.34
C ASP A 113 -21.25 5.74 -2.72
N LEU A 114 -22.44 5.22 -3.00
CA LEU A 114 -22.88 3.96 -2.37
C LEU A 114 -23.62 3.07 -3.39
N TYR A 115 -23.70 1.79 -3.05
CA TYR A 115 -24.76 0.92 -3.63
C TYR A 115 -25.69 0.37 -2.58
N ASP A 116 -26.98 0.48 -2.88
CA ASP A 116 -28.08 -0.03 -2.04
C ASP A 116 -28.58 -1.41 -2.58
N TYR A 117 -28.17 -2.43 -1.89
CA TYR A 117 -28.54 -3.83 -2.26
C TYR A 117 -30.08 -4.09 -2.12
N LYS A 118 -30.76 -3.24 -1.34
CA LYS A 118 -32.22 -3.42 -1.09
C LYS A 118 -33.02 -2.85 -2.26
N GLU A 119 -32.73 -1.61 -2.59
CA GLU A 119 -33.52 -0.91 -3.56
C GLU A 119 -32.86 -1.11 -4.93
N ASN A 120 -31.77 -1.85 -4.91
CA ASN A 120 -30.93 -2.18 -6.07
C ASN A 120 -30.58 -0.98 -6.96
N ARG A 121 -29.85 0.00 -6.37
CA ARG A 121 -29.47 1.18 -7.10
C ARG A 121 -28.27 1.84 -6.42
N PHE A 122 -27.49 2.55 -7.23
CA PHE A 122 -26.38 3.39 -6.75
C PHE A 122 -26.99 4.69 -6.19
N ILE A 123 -26.24 5.32 -5.28
CA ILE A 123 -26.66 6.54 -4.67
C ILE A 123 -25.49 7.52 -4.76
N GLU A 124 -25.79 8.73 -5.16
CA GLU A 124 -24.88 9.92 -5.01
C GLU A 124 -25.31 10.73 -3.77
N ILE A 125 -24.39 10.86 -2.79
CA ILE A 125 -24.68 11.63 -1.56
C ILE A 125 -24.05 13.03 -1.75
N GLY A 126 -24.76 14.07 -1.35
CA GLY A 126 -24.14 15.44 -1.38
C GLY A 126 -24.32 16.05 -0.02
N VAL A 127 -23.37 16.91 0.38
CA VAL A 127 -23.47 17.70 1.57
C VAL A 127 -23.13 19.11 1.08
N THR A 128 -24.02 20.06 1.32
CA THR A 128 -23.80 21.38 0.71
C THR A 128 -23.95 22.50 1.69
N ARG A 129 -23.16 23.55 1.48
CA ARG A 129 -23.40 24.77 2.18
C ARG A 129 -24.23 25.78 1.39
N ARG A 130 -24.68 25.41 0.19
CA ARG A 130 -25.55 26.27 -0.62
C ARG A 130 -27.00 25.75 -0.55
N GLU A 131 -27.90 26.34 -1.34
CA GLU A 131 -29.28 25.91 -1.44
C GLU A 131 -29.34 24.44 -1.94
N VAL A 132 -30.15 23.64 -1.24
CA VAL A 132 -30.16 22.20 -1.52
C VAL A 132 -30.73 21.90 -2.92
N HIS A 133 -31.75 22.64 -3.37
CA HIS A 133 -32.26 22.40 -4.76
C HIS A 133 -31.21 22.71 -5.82
N THR A 134 -30.48 23.80 -5.62
CA THR A 134 -29.41 24.17 -6.53
C THR A 134 -28.44 23.03 -6.68
N TYR A 135 -27.94 22.52 -5.55
CA TYR A 135 -26.94 21.47 -5.49
C TYR A 135 -27.50 20.17 -6.07
N TYR A 136 -28.70 19.84 -5.69
CA TYR A 136 -29.35 18.64 -6.22
C TYR A 136 -29.37 18.63 -7.74
N LEU A 137 -29.85 19.73 -8.35
CA LEU A 137 -29.94 19.77 -9.80
C LEU A 137 -28.58 19.82 -10.48
N GLU A 138 -27.60 20.53 -9.90
CA GLU A 138 -26.22 20.34 -10.38
C GLU A 138 -25.81 18.86 -10.48
N LYS A 139 -26.07 18.12 -9.42
CA LYS A 139 -25.67 16.73 -9.37
C LYS A 139 -26.49 15.91 -10.40
N ALA A 140 -27.80 16.14 -10.45
CA ALA A 140 -28.65 15.43 -11.49
C ALA A 140 -28.12 15.71 -12.92
N ASN A 141 -27.82 16.98 -13.22
CA ASN A 141 -27.32 17.35 -14.51
C ASN A 141 -25.95 16.80 -14.82
N LYS A 142 -25.08 16.66 -13.81
CA LYS A 142 -23.78 16.05 -14.05
C LYS A 142 -23.92 14.55 -14.38
N ILE A 143 -24.65 13.80 -13.57
CA ILE A 143 -24.66 12.38 -13.72
C ILE A 143 -25.60 11.83 -14.84
N LYS A 144 -26.57 12.59 -15.26
CA LYS A 144 -27.49 12.20 -16.36
C LYS A 144 -27.91 10.75 -16.33
N SER A 145 -28.45 10.33 -15.19
CA SER A 145 -28.86 8.98 -15.01
C SER A 145 -30.33 8.94 -14.59
N GLU A 146 -31.09 7.97 -15.08
CA GLU A 146 -32.47 7.87 -14.62
C GLU A 146 -32.59 6.88 -13.43
N LYS A 147 -31.47 6.25 -13.10
CA LYS A 147 -31.49 5.14 -12.18
C LYS A 147 -30.76 5.45 -10.90
N THR A 148 -29.84 6.39 -10.94
CA THR A 148 -28.98 6.63 -9.71
C THR A 148 -29.75 7.57 -8.80
N HIS A 149 -29.85 7.21 -7.53
CA HIS A 149 -30.68 8.02 -6.60
C HIS A 149 -29.74 9.10 -6.05
N ILE A 150 -30.26 10.30 -5.87
CA ILE A 150 -29.45 11.41 -5.27
C ILE A 150 -29.98 11.81 -3.90
N HIS A 151 -29.10 11.93 -2.88
CA HIS A 151 -29.63 12.37 -1.56
C HIS A 151 -28.69 13.50 -1.02
N ILE A 152 -29.25 14.72 -0.90
CA ILE A 152 -28.45 15.93 -0.58
C ILE A 152 -28.80 16.32 0.85
N PHE A 153 -27.77 16.60 1.66
CA PHE A 153 -27.96 17.15 3.00
C PHE A 153 -27.35 18.53 3.09
N SER A 154 -27.90 19.40 3.95
CA SER A 154 -27.32 20.74 4.11
C SER A 154 -26.91 20.90 5.54
N PHE A 155 -26.13 21.94 5.82
CA PHE A 155 -25.76 22.16 7.20
C PHE A 155 -26.93 22.85 7.96
N THR A 156 -28.01 23.21 7.26
CA THR A 156 -29.18 23.83 7.95
C THR A 156 -30.21 22.83 8.40
N GLY A 157 -30.00 21.60 7.95
CA GLY A 157 -30.90 20.49 8.28
C GLY A 157 -31.90 20.24 7.16
N GLU A 158 -31.83 21.02 6.11
CA GLU A 158 -32.65 20.73 4.91
C GLU A 158 -32.06 19.51 4.17
N GLU A 159 -32.94 18.69 3.58
CA GLU A 159 -32.49 17.55 2.74
C GLU A 159 -33.38 17.48 1.53
N MET A 160 -32.88 16.85 0.45
CA MET A 160 -33.68 16.58 -0.74
C MET A 160 -33.24 15.29 -1.34
N ALA A 161 -34.20 14.40 -1.65
CA ALA A 161 -33.85 13.11 -2.17
C ALA A 161 -34.72 12.82 -3.39
N THR A 162 -34.17 12.00 -4.31
CA THR A 162 -34.85 11.73 -5.59
C THR A 162 -36.24 11.16 -5.37
N LYS A 163 -37.27 11.75 -6.03
CA LYS A 163 -38.66 11.24 -5.94
C LYS A 163 -39.22 11.32 -4.53
N ALA A 164 -38.63 12.18 -3.69
CA ALA A 164 -39.00 12.27 -2.25
C ALA A 164 -38.99 10.90 -1.61
N ASP A 165 -38.05 10.06 -2.03
CA ASP A 165 -37.81 8.75 -1.43
C ASP A 165 -36.49 8.85 -0.63
N TYR A 166 -36.60 8.82 0.70
CA TYR A 166 -35.51 9.29 1.58
C TYR A 166 -34.61 8.14 2.04
N THR A 167 -35.04 6.92 1.69
CA THR A 167 -34.30 5.64 1.85
C THR A 167 -34.15 5.20 3.31
N LEU A 168 -33.51 6.03 4.14
CA LEU A 168 -33.31 5.75 5.54
C LEU A 168 -34.52 6.30 6.36
N ASP A 169 -34.71 5.74 7.53
CA ASP A 169 -35.73 6.20 8.45
C ASP A 169 -35.44 7.56 9.11
N GLU A 170 -36.47 8.12 9.74
CA GLU A 170 -36.35 9.44 10.33
C GLU A 170 -35.13 9.59 11.25
N GLU A 171 -34.91 8.64 12.14
CA GLU A 171 -33.84 8.89 13.15
C GLU A 171 -32.47 8.76 12.56
N SER A 172 -32.34 7.88 11.57
CA SER A 172 -31.08 7.74 10.87
C SER A 172 -30.76 9.07 10.12
N ARG A 173 -31.74 9.69 9.48
CA ARG A 173 -31.47 10.98 8.84
C ARG A 173 -31.23 12.13 9.84
N ALA A 174 -32.02 12.09 10.94
CA ALA A 174 -31.81 13.06 11.99
C ALA A 174 -30.40 12.98 12.60
N ARG A 175 -29.86 11.77 12.77
CA ARG A 175 -28.47 11.61 13.30
C ARG A 175 -27.42 12.25 12.38
N ILE A 176 -27.62 12.09 11.07
CA ILE A 176 -26.80 12.83 10.07
C ILE A 176 -26.95 14.32 10.15
N LYS A 177 -28.20 14.83 10.24
CA LYS A 177 -28.34 16.25 10.36
C LYS A 177 -27.66 16.79 11.64
N THR A 178 -27.73 16.00 12.73
CA THR A 178 -27.19 16.40 14.05
C THR A 178 -25.68 16.51 14.02
N ARG A 179 -25.05 15.51 13.42
CA ARG A 179 -23.63 15.57 13.15
C ARG A 179 -23.24 16.78 12.32
N LEU A 180 -24.03 17.15 11.28
CA LEU A 180 -23.72 18.36 10.49
C LEU A 180 -23.75 19.64 11.39
N PHE A 181 -24.78 19.72 12.24
CA PHE A 181 -24.84 20.86 13.17
C PHE A 181 -23.66 20.90 14.10
N THR A 182 -23.23 19.72 14.58
CA THR A 182 -22.06 19.66 15.48
C THR A 182 -20.82 20.17 14.76
N ILE A 183 -20.64 19.75 13.50
CA ILE A 183 -19.51 20.30 12.73
C ILE A 183 -19.57 21.81 12.58
N ARG A 184 -20.72 22.31 12.15
CA ARG A 184 -20.92 23.72 12.01
C ARG A 184 -20.59 24.50 13.30
N GLN A 185 -21.16 24.07 14.45
CA GLN A 185 -20.95 24.81 15.71
C GLN A 185 -19.49 24.75 16.12
N GLU A 186 -18.86 23.57 15.98
CA GLU A 186 -17.44 23.44 16.31
C GLU A 186 -16.56 24.32 15.40
N MET A 187 -16.90 24.42 14.08
CA MET A 187 -16.29 25.43 13.20
C MET A 187 -16.49 26.87 13.68
N ALA A 188 -17.72 27.16 14.10
CA ALA A 188 -18.03 28.53 14.49
C ALA A 188 -17.16 28.89 15.68
N SER A 189 -16.96 27.92 16.56
CA SER A 189 -16.29 28.10 17.84
C SER A 189 -14.85 28.60 17.59
N ARG A 190 -14.29 28.16 16.46
CA ARG A 190 -12.95 28.51 16.02
C ARG A 190 -12.88 29.64 15.03
N GLY A 191 -13.99 30.29 14.79
CA GLY A 191 -14.07 31.31 13.78
C GLY A 191 -13.89 30.86 12.34
N LEU A 192 -14.16 29.57 12.08
CA LEU A 192 -13.93 28.94 10.77
C LEU A 192 -15.18 28.83 9.91
N TRP A 193 -16.35 29.06 10.52
CA TRP A 193 -17.63 28.81 9.79
C TRP A 193 -17.82 29.81 8.68
N ASP A 194 -17.63 31.08 8.97
CA ASP A 194 -17.85 32.13 7.99
C ASP A 194 -17.21 31.88 6.60
N SER A 195 -15.95 31.53 6.67
CA SER A 195 -15.24 31.20 5.46
C SER A 195 -15.70 29.89 4.82
N PHE A 196 -15.81 28.85 5.60
CA PHE A 196 -16.22 27.57 5.11
C PHE A 196 -17.59 27.66 4.37
N ARG A 197 -18.54 28.31 5.00
CA ARG A 197 -19.91 28.44 4.45
C ARG A 197 -19.99 29.27 3.19
N GLN A 198 -19.03 30.19 2.98
CA GLN A 198 -19.01 31.08 1.82
C GLN A 198 -18.21 30.54 0.68
N SER A 199 -17.42 29.49 0.90
CA SER A 199 -16.46 29.10 -0.12
C SER A 199 -16.86 27.99 -1.10
N GLU A 200 -18.13 27.58 -1.08
CA GLU A 200 -18.51 26.46 -1.98
C GLU A 200 -18.82 26.95 -3.38
N ARG A 201 -18.12 26.38 -4.38
CA ARG A 201 -18.48 26.70 -5.76
C ARG A 201 -19.16 25.49 -6.45
N GLY A 202 -19.79 25.73 -7.60
CA GLY A 202 -20.26 24.62 -8.45
C GLY A 202 -19.06 23.78 -8.90
N GLU A 203 -19.31 22.51 -9.11
CA GLU A 203 -18.27 21.57 -9.53
C GLU A 203 -17.87 21.76 -11.01
N LEU B 3 -7.39 -21.41 -33.83
CA LEU B 3 -6.50 -22.60 -33.46
C LEU B 3 -6.47 -22.88 -31.96
N GLY B 4 -5.45 -22.38 -31.26
CA GLY B 4 -5.27 -22.64 -29.81
C GLY B 4 -5.91 -21.57 -28.95
N SER B 5 -5.58 -21.58 -27.64
CA SER B 5 -6.20 -20.67 -26.68
C SER B 5 -5.24 -19.55 -26.24
N MET B 6 -5.71 -18.34 -26.45
CA MET B 6 -4.90 -17.19 -26.13
C MET B 6 -4.81 -17.08 -24.59
N GLU B 7 -5.91 -17.39 -23.88
CA GLU B 7 -5.83 -17.38 -22.40
C GLU B 7 -4.71 -18.30 -21.85
N ASP B 8 -4.66 -19.59 -22.27
CA ASP B 8 -3.50 -20.47 -21.99
C ASP B 8 -2.12 -19.84 -22.32
N PHE B 9 -2.02 -19.27 -23.50
CA PHE B 9 -0.73 -18.64 -23.91
C PHE B 9 -0.31 -17.59 -22.91
N VAL B 10 -1.24 -16.67 -22.59
CA VAL B 10 -0.95 -15.52 -21.69
C VAL B 10 -0.48 -16.03 -20.32
N ARG B 11 -1.14 -17.03 -19.73
CA ARG B 11 -0.85 -17.51 -18.38
C ARG B 11 0.42 -18.37 -18.32
N GLN B 12 0.81 -18.94 -19.45
CA GLN B 12 2.13 -19.57 -19.54
C GLN B 12 3.29 -18.61 -19.90
N CYS B 13 3.06 -17.64 -20.76
CA CYS B 13 4.12 -16.79 -21.38
C CYS B 13 4.58 -15.66 -20.49
N PHE B 14 3.68 -15.08 -19.69
CA PHE B 14 3.97 -13.91 -18.87
C PHE B 14 4.18 -14.29 -17.40
N ASN B 15 5.08 -13.56 -16.71
CA ASN B 15 5.33 -13.76 -15.31
C ASN B 15 4.03 -13.59 -14.53
N PRO B 16 3.83 -14.40 -13.50
CA PRO B 16 2.51 -14.31 -12.75
C PRO B 16 2.17 -12.93 -12.17
N MET B 17 3.20 -12.15 -11.80
CA MET B 17 3.02 -10.78 -11.31
C MET B 17 2.36 -9.93 -12.39
N ILE B 18 2.87 -10.00 -13.61
CA ILE B 18 2.29 -9.31 -14.73
C ILE B 18 0.89 -9.74 -15.02
N VAL B 19 0.65 -11.05 -14.97
CA VAL B 19 -0.69 -11.57 -15.29
C VAL B 19 -1.68 -11.00 -14.25
N GLU B 20 -1.29 -11.03 -12.97
CA GLU B 20 -2.08 -10.39 -11.87
C GLU B 20 -2.43 -8.96 -12.14
N LEU B 21 -1.44 -8.14 -12.51
CA LEU B 21 -1.73 -6.72 -12.75
C LEU B 21 -2.68 -6.52 -13.91
N ALA B 22 -2.53 -7.39 -14.91
CA ALA B 22 -3.36 -7.34 -16.14
C ALA B 22 -4.80 -7.69 -15.72
N GLU B 23 -4.98 -8.73 -14.93
CA GLU B 23 -6.32 -9.07 -14.45
C GLU B 23 -6.96 -7.93 -13.66
N LYS B 24 -6.17 -7.27 -12.83
CA LYS B 24 -6.67 -6.08 -12.04
C LYS B 24 -7.08 -5.00 -13.01
N ALA B 25 -6.29 -4.76 -14.07
CA ALA B 25 -6.72 -3.71 -15.03
C ALA B 25 -8.04 -3.99 -15.73
N MET B 26 -8.20 -5.23 -16.17
CA MET B 26 -9.38 -5.62 -16.93
C MET B 26 -10.60 -5.56 -15.98
N LYS B 27 -10.46 -6.10 -14.79
CA LYS B 27 -11.58 -6.09 -13.79
C LYS B 27 -12.01 -4.72 -13.41
N GLU B 28 -11.11 -3.72 -13.51
CA GLU B 28 -11.42 -2.32 -13.31
C GLU B 28 -12.47 -1.84 -14.32
N TYR B 29 -12.46 -2.42 -15.52
CA TYR B 29 -13.39 -2.01 -16.55
C TYR B 29 -14.46 -3.07 -16.83
N GLY B 30 -14.61 -4.03 -15.94
CA GLY B 30 -15.72 -4.97 -16.03
C GLY B 30 -15.44 -6.05 -17.05
N GLU B 31 -14.16 -6.21 -17.46
CA GLU B 31 -13.83 -7.26 -18.48
C GLU B 31 -13.18 -8.49 -17.91
N ASP B 32 -13.56 -9.65 -18.45
CA ASP B 32 -13.10 -10.89 -17.94
C ASP B 32 -11.90 -11.34 -18.78
N PRO B 33 -10.73 -11.60 -18.17
CA PRO B 33 -9.55 -12.03 -18.95
C PRO B 33 -9.77 -13.32 -19.69
N LYS B 34 -10.64 -14.23 -19.19
CA LYS B 34 -10.89 -15.46 -20.00
C LYS B 34 -11.85 -15.26 -21.21
N ILE B 35 -12.50 -14.10 -21.27
CA ILE B 35 -13.37 -13.71 -22.43
C ILE B 35 -12.59 -12.81 -23.42
N GLU B 36 -12.08 -11.68 -22.93
CA GLU B 36 -11.43 -10.70 -23.74
C GLU B 36 -9.95 -11.05 -23.78
N THR B 37 -9.63 -12.19 -24.42
CA THR B 37 -8.26 -12.74 -24.32
C THR B 37 -7.22 -11.99 -25.18
N ASN B 38 -7.62 -11.42 -26.32
CA ASN B 38 -6.70 -10.52 -27.06
C ASN B 38 -6.40 -9.28 -26.26
N LYS B 39 -7.39 -8.72 -25.55
CA LYS B 39 -7.06 -7.56 -24.67
C LYS B 39 -6.12 -7.99 -23.55
N PHE B 40 -6.34 -9.19 -22.97
CA PHE B 40 -5.54 -9.76 -21.85
C PHE B 40 -4.07 -9.82 -22.29
N ALA B 41 -3.85 -10.49 -23.45
CA ALA B 41 -2.54 -10.47 -24.12
C ALA B 41 -1.90 -9.09 -24.30
N ALA B 42 -2.69 -8.14 -24.83
CA ALA B 42 -2.15 -6.80 -25.15
C ALA B 42 -1.76 -6.08 -23.85
N ILE B 43 -2.59 -6.23 -22.79
CA ILE B 43 -2.27 -5.55 -21.52
C ILE B 43 -1.00 -6.14 -20.88
N CYS B 44 -0.89 -7.48 -20.94
CA CYS B 44 0.26 -8.14 -20.35
C CYS B 44 1.53 -7.61 -21.08
N THR B 45 1.44 -7.55 -22.39
CA THR B 45 2.58 -7.15 -23.27
C THR B 45 3.05 -5.73 -22.92
N HIS B 46 2.11 -4.81 -22.93
CA HIS B 46 2.42 -3.46 -22.52
C HIS B 46 3.02 -3.36 -21.09
N LEU B 47 2.43 -4.07 -20.12
CA LEU B 47 3.00 -4.08 -18.80
C LEU B 47 4.45 -4.60 -18.79
N GLU B 48 4.65 -5.73 -19.47
CA GLU B 48 6.00 -6.30 -19.55
C GLU B 48 6.96 -5.31 -20.20
N VAL B 49 6.54 -4.66 -21.26
CA VAL B 49 7.43 -3.66 -21.89
C VAL B 49 7.75 -2.49 -20.93
N CYS B 50 6.72 -2.01 -20.19
CA CYS B 50 6.98 -0.93 -19.26
C CYS B 50 8.01 -1.31 -18.17
N PHE B 51 7.91 -2.52 -17.65
CA PHE B 51 8.79 -3.03 -16.63
C PHE B 51 10.19 -3.25 -17.22
N MET B 52 10.26 -3.75 -18.44
CA MET B 52 11.57 -3.86 -19.10
C MET B 52 12.20 -2.51 -19.36
N TYR B 53 11.41 -1.50 -19.73
CA TYR B 53 11.92 -0.19 -20.09
C TYR B 53 12.61 0.43 -18.87
N SER B 54 12.06 0.16 -17.70
CA SER B 54 12.48 0.83 -16.50
C SER B 54 13.48 -0.04 -15.70
N ASP B 55 13.69 -1.28 -16.11
CA ASP B 55 14.50 -2.28 -15.40
C ASP B 55 16.02 -2.01 -15.41
N PHE B 56 16.61 -2.04 -14.20
CA PHE B 56 18.08 -1.95 -14.10
C PHE B 56 18.69 -0.70 -14.74
N HIS B 57 17.99 0.44 -14.65
CA HIS B 57 18.49 1.74 -15.11
C HIS B 57 18.55 2.63 -13.89
N PHE B 58 19.68 3.32 -13.73
CA PHE B 58 19.96 4.12 -12.50
C PHE B 58 20.61 5.42 -12.88
N HIS B 79 17.35 4.84 -8.80
CA HIS B 79 16.48 4.32 -9.89
C HIS B 79 16.15 5.44 -10.87
N ARG B 80 16.31 5.17 -12.17
CA ARG B 80 16.06 6.18 -13.15
C ARG B 80 14.54 6.46 -13.42
N PHE B 81 13.70 5.43 -13.39
CA PHE B 81 12.31 5.61 -13.88
C PHE B 81 11.33 5.39 -12.74
N GLU B 82 10.29 6.22 -12.68
CA GLU B 82 9.23 5.88 -11.75
C GLU B 82 8.20 5.10 -12.53
N ILE B 83 7.75 3.94 -12.08
CA ILE B 83 6.75 3.25 -12.88
C ILE B 83 5.34 3.72 -12.47
N ILE B 84 4.53 4.18 -13.41
CA ILE B 84 3.22 4.76 -13.12
C ILE B 84 2.18 3.67 -13.48
N GLU B 85 2.43 3.03 -14.62
CA GLU B 85 1.54 1.97 -15.12
C GLU B 85 1.55 0.79 -14.16
N GLY B 86 0.44 0.06 -14.08
CA GLY B 86 0.36 -1.06 -13.19
C GLY B 86 -0.20 -0.70 -11.82
N ARG B 87 -0.06 0.55 -11.40
CA ARG B 87 -0.63 0.85 -10.05
C ARG B 87 -2.06 1.22 -10.07
N ASP B 88 -2.72 1.08 -8.90
CA ASP B 88 -4.08 1.65 -8.74
C ASP B 88 -4.07 3.08 -9.19
N ARG B 89 -5.12 3.50 -9.88
CA ARG B 89 -5.17 4.85 -10.39
C ARG B 89 -5.10 5.96 -9.34
N THR B 90 -5.62 5.72 -8.13
CA THR B 90 -5.46 6.77 -7.09
C THR B 90 -4.00 6.95 -6.72
N MET B 91 -3.31 5.81 -6.59
CA MET B 91 -1.89 5.75 -6.25
C MET B 91 -1.08 6.39 -7.39
N ALA B 92 -1.42 6.01 -8.62
CA ALA B 92 -0.75 6.53 -9.80
C ALA B 92 -0.85 8.03 -9.89
N TRP B 93 -2.06 8.56 -9.71
CA TRP B 93 -2.26 10.03 -9.79
C TRP B 93 -1.56 10.76 -8.67
N THR B 94 -1.44 10.11 -7.52
CA THR B 94 -0.69 10.65 -6.34
C THR B 94 0.82 10.74 -6.64
N VAL B 95 1.39 9.73 -7.27
CA VAL B 95 2.79 9.89 -7.69
C VAL B 95 3.00 10.91 -8.75
N VAL B 96 2.13 10.96 -9.75
CA VAL B 96 2.22 11.98 -10.80
C VAL B 96 2.20 13.39 -10.18
N ASN B 97 1.22 13.59 -9.29
CA ASN B 97 1.16 14.86 -8.55
C ASN B 97 2.37 15.14 -7.67
N SER B 98 2.86 14.19 -6.90
CA SER B 98 4.03 14.41 -6.07
C SER B 98 5.24 14.85 -6.93
N ILE B 99 5.44 14.18 -8.05
CA ILE B 99 6.53 14.49 -8.91
C ILE B 99 6.38 15.88 -9.45
N CYS B 100 5.20 16.23 -9.99
CA CYS B 100 4.97 17.51 -10.63
C CYS B 100 5.16 18.73 -9.71
N ASN B 101 5.00 18.53 -8.40
CA ASN B 101 5.33 19.65 -7.52
C ASN B 101 6.62 19.61 -6.71
N THR B 102 7.34 18.48 -6.71
CA THR B 102 8.76 18.53 -6.37
C THR B 102 9.46 19.27 -7.53
N THR B 103 9.48 18.63 -8.68
CA THR B 103 9.95 19.29 -9.89
C THR B 103 8.82 20.28 -10.15
N GLY B 104 8.91 21.09 -11.18
CA GLY B 104 7.76 21.91 -11.50
C GLY B 104 7.16 21.47 -12.82
N VAL B 105 7.31 20.17 -13.14
CA VAL B 105 6.89 19.62 -14.45
C VAL B 105 5.39 19.70 -14.67
N GLU B 106 4.95 20.23 -15.82
CA GLU B 106 3.52 20.38 -16.09
C GLU B 106 2.77 19.03 -15.98
N LYS B 107 1.61 19.09 -15.36
CA LYS B 107 0.81 17.89 -15.07
C LYS B 107 0.16 17.32 -16.32
N PRO B 108 0.34 16.01 -16.57
CA PRO B 108 -0.37 15.32 -17.67
C PRO B 108 -1.89 15.29 -17.45
N LYS B 109 -2.60 15.25 -18.58
CA LYS B 109 -4.06 15.19 -18.62
C LYS B 109 -4.49 13.76 -18.39
N PHE B 110 -3.75 12.80 -18.97
CA PHE B 110 -3.97 11.36 -18.83
C PHE B 110 -2.76 10.74 -18.13
N LEU B 111 -2.99 9.66 -17.41
CA LEU B 111 -1.91 9.05 -16.62
C LEU B 111 -0.94 8.53 -17.64
N PRO B 112 0.36 8.82 -17.42
CA PRO B 112 1.44 8.31 -18.27
C PRO B 112 1.88 6.97 -17.75
N ASP B 113 2.91 6.43 -18.35
CA ASP B 113 3.41 5.09 -17.93
C ASP B 113 4.62 5.09 -17.02
N LEU B 114 5.49 6.07 -17.25
CA LEU B 114 6.71 6.26 -16.44
C LEU B 114 7.01 7.69 -16.26
N TYR B 115 7.86 7.92 -15.26
CA TYR B 115 8.55 9.20 -15.17
C TYR B 115 10.07 8.97 -15.24
N ASP B 116 10.74 9.77 -16.08
CA ASP B 116 12.21 9.61 -16.28
C ASP B 116 12.88 10.69 -15.42
N TYR B 117 13.56 10.25 -14.35
CA TYR B 117 14.25 11.18 -13.44
C TYR B 117 15.49 11.78 -14.08
N LYS B 118 16.09 11.09 -15.05
CA LYS B 118 17.19 11.74 -15.81
C LYS B 118 16.78 12.88 -16.73
N GLU B 119 15.88 12.61 -17.69
CA GLU B 119 15.37 13.65 -18.59
C GLU B 119 14.27 14.55 -18.03
N ASN B 120 13.84 14.32 -16.79
CA ASN B 120 12.68 15.06 -16.21
C ASN B 120 11.48 15.20 -17.08
N ARG B 121 10.91 14.05 -17.45
CA ARG B 121 9.73 14.10 -18.31
C ARG B 121 9.01 12.78 -18.08
N PHE B 122 7.71 12.88 -18.21
CA PHE B 122 6.86 11.70 -18.22
C PHE B 122 7.00 11.01 -19.57
N ILE B 123 6.70 9.69 -19.61
CA ILE B 123 6.75 8.97 -20.84
C ILE B 123 5.50 8.12 -21.01
N GLU B 124 4.93 8.25 -22.18
CA GLU B 124 3.88 7.29 -22.66
C GLU B 124 4.52 6.19 -23.54
N ILE B 125 4.35 4.92 -23.17
CA ILE B 125 4.88 3.76 -23.89
C ILE B 125 3.73 3.13 -24.69
N GLY B 126 3.94 2.88 -25.98
CA GLY B 126 2.87 2.15 -26.70
C GLY B 126 3.46 0.89 -27.31
N VAL B 127 2.66 -0.17 -27.49
CA VAL B 127 3.11 -1.35 -28.18
C VAL B 127 2.02 -1.62 -29.21
N THR B 128 2.40 -1.74 -30.49
CA THR B 128 1.39 -1.86 -31.54
C THR B 128 1.60 -3.13 -32.39
N ARG B 129 0.51 -3.81 -32.80
CA ARG B 129 0.70 -4.89 -33.75
C ARG B 129 0.53 -4.37 -35.20
N ARG B 130 0.41 -3.05 -35.29
CA ARG B 130 0.34 -2.33 -36.55
C ARG B 130 1.48 -1.32 -36.75
N GLU B 131 1.16 -0.23 -37.42
CA GLU B 131 2.20 0.68 -37.89
C GLU B 131 2.63 1.60 -36.76
N VAL B 132 3.94 1.72 -36.50
CA VAL B 132 4.42 2.64 -35.43
C VAL B 132 3.98 4.11 -35.62
N HIS B 133 4.04 4.66 -36.84
CA HIS B 133 3.64 6.08 -37.14
C HIS B 133 2.19 6.34 -36.75
N THR B 134 1.28 5.52 -37.25
CA THR B 134 -0.12 5.69 -36.92
C THR B 134 -0.39 5.58 -35.40
N TYR B 135 0.17 4.57 -34.75
CA TYR B 135 0.01 4.44 -33.28
C TYR B 135 0.60 5.62 -32.48
N TYR B 136 1.78 6.10 -32.88
CA TYR B 136 2.36 7.31 -32.27
C TYR B 136 1.38 8.46 -32.37
N LEU B 137 0.89 8.70 -33.58
CA LEU B 137 -0.06 9.77 -33.74
C LEU B 137 -1.34 9.58 -32.93
N GLU B 138 -1.91 8.36 -32.88
CA GLU B 138 -3.07 8.15 -32.01
C GLU B 138 -2.76 8.56 -30.59
N LYS B 139 -1.57 8.17 -30.11
CA LYS B 139 -1.19 8.53 -28.74
C LYS B 139 -1.05 10.03 -28.56
N ALA B 140 -0.39 10.68 -29.53
CA ALA B 140 -0.13 12.11 -29.45
C ALA B 140 -1.45 12.88 -29.39
N ASN B 141 -2.42 12.37 -30.13
CA ASN B 141 -3.73 13.01 -30.21
C ASN B 141 -4.62 12.77 -29.01
N LYS B 142 -4.47 11.60 -28.37
CA LYS B 142 -5.19 11.31 -27.15
C LYS B 142 -4.68 12.20 -26.01
N ILE B 143 -3.37 12.24 -25.84
CA ILE B 143 -2.80 12.94 -24.67
C ILE B 143 -2.59 14.44 -24.83
N LYS B 144 -2.51 14.91 -26.08
CA LYS B 144 -2.06 16.26 -26.38
C LYS B 144 -0.72 16.53 -25.67
N SER B 145 0.24 15.63 -25.86
CA SER B 145 1.44 15.50 -24.97
C SER B 145 2.16 16.78 -24.61
N GLU B 146 2.61 17.51 -25.63
CA GLU B 146 3.24 18.84 -25.49
C GLU B 146 4.22 18.98 -24.32
N LYS B 147 4.93 17.89 -24.00
CA LYS B 147 5.77 17.79 -22.82
C LYS B 147 6.05 16.30 -22.49
N THR B 148 4.99 15.49 -22.56
CA THR B 148 5.09 14.06 -22.31
C THR B 148 5.75 13.40 -23.50
N HIS B 149 6.79 12.59 -23.25
CA HIS B 149 7.50 11.92 -24.34
C HIS B 149 6.72 10.65 -24.71
N ILE B 150 6.71 10.31 -25.97
CA ILE B 150 6.01 9.07 -26.43
C ILE B 150 7.04 8.13 -27.05
N HIS B 151 7.02 6.83 -26.67
CA HIS B 151 7.91 5.85 -27.29
C HIS B 151 7.03 4.66 -27.68
N ILE B 152 6.98 4.40 -29.00
CA ILE B 152 6.12 3.30 -29.53
C ILE B 152 7.03 2.18 -29.99
N PHE B 153 6.68 0.93 -29.66
CA PHE B 153 7.35 -0.24 -30.23
C PHE B 153 6.37 -1.05 -31.03
N SER B 154 6.84 -1.77 -32.03
CA SER B 154 5.99 -2.77 -32.75
C SER B 154 6.51 -4.18 -32.49
N PHE B 155 5.73 -5.18 -32.89
CA PHE B 155 6.18 -6.55 -32.69
C PHE B 155 7.18 -6.91 -33.76
N THR B 156 7.19 -6.10 -34.82
CA THR B 156 8.04 -6.31 -36.03
C THR B 156 9.41 -5.65 -35.96
N GLY B 157 9.72 -5.08 -34.80
CA GLY B 157 11.07 -4.57 -34.47
C GLY B 157 11.30 -3.12 -34.75
N GLU B 158 10.28 -2.41 -35.21
CA GLU B 158 10.39 -0.98 -35.45
C GLU B 158 10.02 -0.19 -34.18
N GLU B 159 10.46 1.06 -34.15
CA GLU B 159 10.06 1.93 -33.01
C GLU B 159 9.96 3.38 -33.47
N MET B 160 9.25 4.20 -32.72
CA MET B 160 9.19 5.60 -33.02
C MET B 160 9.12 6.35 -31.70
N ALA B 161 9.91 7.42 -31.55
CA ALA B 161 9.85 8.19 -30.30
C ALA B 161 9.83 9.67 -30.59
N THR B 162 9.28 10.42 -29.64
CA THR B 162 9.16 11.89 -29.74
C THR B 162 10.52 12.51 -30.09
N LYS B 163 10.50 13.34 -31.13
CA LYS B 163 11.65 14.13 -31.54
C LYS B 163 12.84 13.23 -31.93
N ALA B 164 12.52 11.98 -32.25
CA ALA B 164 13.55 10.96 -32.57
C ALA B 164 14.60 10.86 -31.47
N ASP B 165 14.11 11.04 -30.25
CA ASP B 165 14.93 10.87 -29.08
C ASP B 165 14.47 9.61 -28.38
N TYR B 166 15.37 8.60 -28.33
CA TYR B 166 14.96 7.23 -28.05
C TYR B 166 15.10 6.81 -26.60
N THR B 167 15.57 7.77 -25.79
CA THR B 167 15.77 7.61 -24.38
C THR B 167 16.77 6.56 -23.92
N LEU B 168 16.52 5.29 -24.21
CA LEU B 168 17.34 4.15 -23.75
C LEU B 168 18.36 3.87 -24.81
N ASP B 169 19.41 3.21 -24.40
CA ASP B 169 20.47 2.88 -25.33
C ASP B 169 20.06 1.77 -26.32
N GLU B 170 20.76 1.68 -27.44
CA GLU B 170 20.48 0.63 -28.41
C GLU B 170 20.23 -0.75 -27.86
N GLU B 171 21.06 -1.22 -26.95
CA GLU B 171 21.00 -2.59 -26.49
C GLU B 171 19.76 -2.87 -25.60
N SER B 172 19.46 -1.93 -24.71
CA SER B 172 18.23 -1.98 -23.90
C SER B 172 16.97 -2.00 -24.84
N ARG B 173 16.98 -1.19 -25.88
CA ARG B 173 15.82 -1.24 -26.81
C ARG B 173 15.76 -2.55 -27.59
N ALA B 174 16.94 -3.10 -27.95
CA ALA B 174 16.88 -4.36 -28.66
C ALA B 174 16.35 -5.53 -27.79
N ARG B 175 16.64 -5.53 -26.49
CA ARG B 175 16.03 -6.55 -25.58
C ARG B 175 14.50 -6.54 -25.60
N ILE B 176 13.92 -5.33 -25.64
CA ILE B 176 12.46 -5.15 -25.78
C ILE B 176 11.95 -5.63 -27.13
N LYS B 177 12.66 -5.24 -28.19
CA LYS B 177 12.23 -5.61 -29.56
C LYS B 177 12.32 -7.13 -29.70
N THR B 178 13.32 -7.75 -29.04
CA THR B 178 13.54 -9.22 -29.09
C THR B 178 12.49 -9.98 -28.29
N ARG B 179 12.09 -9.43 -27.15
CA ARG B 179 10.97 -10.03 -26.41
C ARG B 179 9.70 -9.99 -27.29
N LEU B 180 9.44 -8.85 -27.92
CA LEU B 180 8.24 -8.72 -28.77
C LEU B 180 8.21 -9.62 -30.00
N PHE B 181 9.38 -9.72 -30.70
CA PHE B 181 9.72 -10.83 -31.67
C PHE B 181 9.16 -12.18 -31.22
N THR B 182 9.66 -12.56 -30.06
CA THR B 182 9.39 -13.86 -29.46
C THR B 182 7.90 -14.10 -29.20
N ILE B 183 7.25 -13.11 -28.59
CA ILE B 183 5.83 -13.20 -28.33
C ILE B 183 5.05 -13.40 -29.62
N ARG B 184 5.36 -12.60 -30.66
CA ARG B 184 4.67 -12.67 -31.92
C ARG B 184 4.82 -14.04 -32.53
N GLN B 185 6.06 -14.55 -32.49
CA GLN B 185 6.32 -15.82 -33.21
C GLN B 185 5.58 -16.97 -32.53
N GLU B 186 5.66 -16.99 -31.20
CA GLU B 186 4.98 -17.97 -30.36
C GLU B 186 3.45 -17.87 -30.58
N MET B 187 2.89 -16.63 -30.58
CA MET B 187 1.44 -16.49 -30.95
C MET B 187 1.15 -17.09 -32.35
N ALA B 188 1.99 -16.73 -33.30
CA ALA B 188 1.85 -17.25 -34.69
C ALA B 188 1.85 -18.77 -34.73
N SER B 189 2.75 -19.39 -33.97
CA SER B 189 2.86 -20.86 -33.88
C SER B 189 1.59 -21.55 -33.45
N ARG B 190 0.86 -20.90 -32.53
CA ARG B 190 -0.40 -21.41 -32.01
C ARG B 190 -1.66 -20.99 -32.76
N GLY B 191 -1.46 -20.23 -33.83
CA GLY B 191 -2.55 -19.74 -34.65
C GLY B 191 -3.23 -18.56 -34.06
N LEU B 192 -2.53 -17.90 -33.12
CA LEU B 192 -3.15 -16.86 -32.33
C LEU B 192 -2.84 -15.45 -32.82
N TRP B 193 -1.79 -15.31 -33.64
CA TRP B 193 -1.33 -13.94 -34.02
C TRP B 193 -2.32 -13.23 -34.89
N ASP B 194 -2.98 -13.98 -35.79
CA ASP B 194 -3.84 -13.28 -36.72
C ASP B 194 -4.99 -12.49 -36.09
N SER B 195 -5.67 -13.08 -35.13
CA SER B 195 -6.80 -12.36 -34.47
C SER B 195 -6.21 -11.29 -33.54
N PHE B 196 -5.12 -11.63 -32.86
CA PHE B 196 -4.43 -10.65 -32.02
C PHE B 196 -4.07 -9.38 -32.84
N ARG B 197 -3.52 -9.55 -34.05
CA ARG B 197 -3.19 -8.41 -34.91
C ARG B 197 -4.45 -7.69 -35.32
N GLN B 198 -5.45 -8.44 -35.76
CA GLN B 198 -6.64 -7.84 -36.35
C GLN B 198 -7.43 -7.08 -35.34
N SER B 199 -7.33 -7.50 -34.08
CA SER B 199 -8.16 -6.98 -33.02
C SER B 199 -7.73 -5.58 -32.51
N GLU B 200 -6.56 -5.08 -32.95
CA GLU B 200 -6.14 -3.75 -32.50
C GLU B 200 -6.96 -2.64 -33.11
N ARG B 201 -7.55 -1.82 -32.24
CA ARG B 201 -8.17 -0.54 -32.61
C ARG B 201 -7.30 0.66 -32.13
N GLY B 202 -6.65 0.49 -30.96
CA GLY B 202 -5.74 1.49 -30.38
C GLY B 202 -5.66 1.40 -28.86
N PRO C 2 41.91 -22.05 -27.06
CA PRO C 2 41.99 -20.58 -26.80
C PRO C 2 41.54 -20.21 -25.41
N LEU C 3 42.28 -19.27 -24.82
CA LEU C 3 42.02 -18.86 -23.45
C LEU C 3 41.90 -17.37 -23.47
N GLY C 4 40.65 -16.90 -23.24
CA GLY C 4 40.38 -15.50 -23.23
C GLY C 4 40.86 -14.90 -21.90
N SER C 5 40.80 -13.59 -21.77
CA SER C 5 41.26 -12.99 -20.52
C SER C 5 40.03 -12.60 -19.69
N MET C 6 40.26 -12.50 -18.40
CA MET C 6 39.17 -12.18 -17.45
C MET C 6 38.70 -10.75 -17.68
N GLU C 7 39.60 -9.80 -18.02
CA GLU C 7 39.18 -8.43 -18.30
C GLU C 7 38.24 -8.36 -19.51
N ASP C 8 38.58 -9.04 -20.62
CA ASP C 8 37.67 -9.04 -21.76
C ASP C 8 36.33 -9.61 -21.35
N PHE C 9 36.35 -10.65 -20.52
CA PHE C 9 35.11 -11.31 -20.11
C PHE C 9 34.27 -10.32 -19.30
N VAL C 10 34.95 -9.62 -18.39
CA VAL C 10 34.24 -8.63 -17.53
C VAL C 10 33.60 -7.55 -18.38
N ARG C 11 34.36 -6.99 -19.34
CA ARG C 11 33.82 -5.91 -20.13
C ARG C 11 32.73 -6.34 -21.09
N GLN C 12 32.70 -7.63 -21.47
CA GLN C 12 31.61 -8.25 -22.31
C GLN C 12 30.38 -8.70 -21.53
N CYS C 13 30.60 -9.21 -20.31
CA CYS C 13 29.56 -9.84 -19.47
C CYS C 13 28.76 -8.87 -18.57
N PHE C 14 29.35 -7.75 -18.16
CA PHE C 14 28.67 -6.83 -17.26
C PHE C 14 28.25 -5.58 -17.99
N ASN C 15 27.13 -5.04 -17.53
CA ASN C 15 26.59 -3.84 -18.07
C ASN C 15 27.60 -2.67 -17.90
N PRO C 16 27.71 -1.76 -18.88
CA PRO C 16 28.79 -0.76 -18.73
C PRO C 16 28.72 0.16 -17.50
N MET C 17 27.52 0.47 -16.97
CA MET C 17 27.46 1.25 -15.71
C MET C 17 28.03 0.45 -14.54
N ILE C 18 27.83 -0.88 -14.52
CA ILE C 18 28.44 -1.74 -13.51
C ILE C 18 29.95 -1.69 -13.70
N VAL C 19 30.42 -1.88 -14.94
CA VAL C 19 31.88 -1.91 -15.16
C VAL C 19 32.51 -0.59 -14.71
N GLU C 20 31.86 0.51 -15.04
CA GLU C 20 32.38 1.83 -14.61
C GLU C 20 32.35 2.05 -13.11
N LEU C 21 31.31 1.58 -12.42
CA LEU C 21 31.36 1.68 -10.95
C LEU C 21 32.41 0.77 -10.35
N ALA C 22 32.62 -0.43 -10.94
CA ALA C 22 33.70 -1.29 -10.49
C ALA C 22 35.07 -0.61 -10.67
N GLU C 23 35.27 0.02 -11.82
CA GLU C 23 36.50 0.74 -12.11
C GLU C 23 36.76 1.83 -11.05
N LYS C 24 35.76 2.67 -10.88
CA LYS C 24 35.78 3.64 -9.76
C LYS C 24 36.13 3.04 -8.40
N ALA C 25 35.47 1.94 -8.01
CA ALA C 25 35.71 1.28 -6.73
C ALA C 25 37.13 0.80 -6.56
N MET C 26 37.72 0.33 -7.66
CA MET C 26 39.10 -0.14 -7.52
C MET C 26 40.06 1.04 -7.44
N LYS C 27 39.76 2.08 -8.23
CA LYS C 27 40.64 3.25 -8.34
C LYS C 27 40.77 3.96 -7.01
N GLU C 28 39.69 3.99 -6.25
CA GLU C 28 39.80 4.68 -4.96
C GLU C 28 40.56 3.89 -3.91
N TYR C 29 40.98 2.67 -4.26
CA TYR C 29 42.08 2.02 -3.56
C TYR C 29 43.37 2.05 -4.45
N GLY C 30 43.29 2.75 -5.58
CA GLY C 30 44.37 2.78 -6.57
C GLY C 30 44.72 1.45 -7.22
N GLU C 31 43.90 0.41 -7.03
CA GLU C 31 44.07 -0.89 -7.78
C GLU C 31 43.73 -0.70 -9.28
N ASP C 32 44.39 -1.45 -10.19
CA ASP C 32 44.12 -1.26 -11.64
C ASP C 32 43.29 -2.48 -12.08
N PRO C 33 42.16 -2.27 -12.78
CA PRO C 33 41.37 -3.43 -13.24
C PRO C 33 42.20 -4.42 -14.12
N LYS C 34 43.10 -3.91 -14.97
CA LYS C 34 43.89 -4.80 -15.84
C LYS C 34 44.87 -5.68 -15.10
N ILE C 35 45.25 -5.34 -13.87
CA ILE C 35 46.16 -6.18 -13.11
C ILE C 35 45.44 -7.09 -12.15
N GLU C 36 44.56 -6.54 -11.30
CA GLU C 36 43.86 -7.37 -10.32
C GLU C 36 42.51 -7.79 -10.96
N THR C 37 42.60 -8.70 -11.89
CA THR C 37 41.50 -8.95 -12.81
C THR C 37 40.39 -9.81 -12.18
N ASN C 38 40.80 -10.73 -11.33
CA ASN C 38 39.79 -11.58 -10.64
C ASN C 38 39.06 -10.72 -9.66
N LYS C 39 39.78 -9.76 -9.07
CA LYS C 39 39.15 -8.80 -8.18
C LYS C 39 38.13 -7.92 -8.89
N PHE C 40 38.41 -7.49 -10.13
CA PHE C 40 37.57 -6.63 -10.95
C PHE C 40 36.27 -7.36 -11.26
N ALA C 41 36.38 -8.65 -11.62
CA ALA C 41 35.18 -9.51 -11.83
C ALA C 41 34.32 -9.65 -10.56
N ALA C 42 35.00 -9.90 -9.45
CA ALA C 42 34.29 -10.04 -8.19
C ALA C 42 33.57 -8.76 -7.81
N ILE C 43 34.23 -7.59 -8.04
CA ILE C 43 33.59 -6.32 -7.74
C ILE C 43 32.35 -6.04 -8.60
N CYS C 44 32.46 -6.36 -9.86
CA CYS C 44 31.33 -6.20 -10.80
C CYS C 44 30.18 -7.12 -10.33
N THR C 45 30.52 -8.32 -9.90
CA THR C 45 29.46 -9.32 -9.54
C THR C 45 28.74 -8.78 -8.31
N HIS C 46 29.53 -8.32 -7.33
CA HIS C 46 28.95 -7.80 -6.08
C HIS C 46 28.02 -6.56 -6.36
N LEU C 47 28.50 -5.63 -7.16
CA LEU C 47 27.70 -4.50 -7.50
C LEU C 47 26.40 -4.91 -8.14
N GLU C 48 26.51 -5.81 -9.11
CA GLU C 48 25.32 -6.29 -9.78
C GLU C 48 24.33 -6.87 -8.76
N VAL C 49 24.79 -7.72 -7.85
CA VAL C 49 23.90 -8.27 -6.82
C VAL C 49 23.29 -7.14 -5.97
N CYS C 50 24.11 -6.15 -5.57
CA CYS C 50 23.53 -5.07 -4.74
C CYS C 50 22.38 -4.34 -5.50
N PHE C 51 22.60 -4.03 -6.78
CA PHE C 51 21.56 -3.39 -7.62
C PHE C 51 20.30 -4.27 -7.83
N MET C 52 20.49 -5.58 -7.92
CA MET C 52 19.36 -6.55 -8.08
C MET C 52 18.58 -6.68 -6.79
N TYR C 53 19.30 -6.62 -5.65
CA TYR C 53 18.73 -6.74 -4.34
C TYR C 53 17.74 -5.58 -4.12
N SER C 54 18.03 -4.37 -4.57
CA SER C 54 16.98 -3.34 -4.67
C SER C 54 15.95 -3.80 -5.74
N ARG C 80 12.13 1.13 -1.20
CA ARG C 80 12.44 0.39 -0.02
C ARG C 80 13.93 0.31 0.38
N PHE C 81 14.83 0.12 -0.59
CA PHE C 81 16.26 0.04 -0.30
C PHE C 81 16.99 1.31 -0.71
N GLU C 82 17.88 1.77 0.15
CA GLU C 82 18.71 2.89 -0.22
C GLU C 82 19.99 2.23 -0.68
N ILE C 83 20.50 2.59 -1.86
CA ILE C 83 21.73 1.96 -2.34
C ILE C 83 22.95 2.76 -1.85
N ILE C 84 23.81 2.10 -1.13
CA ILE C 84 24.94 2.81 -0.51
C ILE C 84 26.22 2.39 -1.27
N GLU C 85 26.37 1.08 -1.50
CA GLU C 85 27.44 0.57 -2.36
C GLU C 85 27.43 1.27 -3.74
N GLY C 86 28.61 1.58 -4.26
CA GLY C 86 28.69 2.18 -5.57
C GLY C 86 28.62 3.70 -5.54
N ARG C 87 28.13 4.28 -4.46
CA ARG C 87 28.10 5.76 -4.42
C ARG C 87 29.45 6.33 -4.05
N ASP C 88 29.60 7.60 -4.37
CA ASP C 88 30.68 8.43 -3.90
C ASP C 88 30.79 8.21 -2.37
N ARG C 89 31.98 7.89 -1.86
CA ARG C 89 32.17 7.61 -0.41
C ARG C 89 31.57 8.71 0.50
N THR C 90 31.73 9.97 0.09
CA THR C 90 31.23 11.13 0.83
C THR C 90 29.71 11.21 0.87
N MET C 91 29.07 11.07 -0.28
CA MET C 91 27.60 11.07 -0.34
C MET C 91 27.02 9.88 0.45
N ALA C 92 27.73 8.77 0.38
CA ALA C 92 27.38 7.52 1.08
C ALA C 92 27.46 7.61 2.63
N TRP C 93 28.51 8.26 3.13
CA TRP C 93 28.53 8.56 4.54
C TRP C 93 27.42 9.59 4.90
N THR C 94 27.15 10.54 4.03
CA THR C 94 26.07 11.48 4.37
C THR C 94 24.71 10.79 4.53
N VAL C 95 24.38 9.88 3.60
CA VAL C 95 23.15 9.08 3.72
C VAL C 95 23.14 8.19 4.94
N VAL C 96 24.26 7.48 5.18
CA VAL C 96 24.40 6.67 6.37
C VAL C 96 24.24 7.53 7.65
N ASN C 97 24.96 8.64 7.75
CA ASN C 97 24.77 9.52 8.91
C ASN C 97 23.35 10.10 9.09
N SER C 98 22.73 10.56 8.00
CA SER C 98 21.37 11.10 7.98
C SER C 98 20.28 10.07 8.41
N ILE C 99 20.39 8.84 7.91
CA ILE C 99 19.81 7.71 8.60
C ILE C 99 20.41 7.93 9.98
N CYS C 100 21.00 6.90 10.58
CA CYS C 100 21.50 6.89 11.96
C CYS C 100 20.97 7.88 12.98
N ASN C 101 20.82 9.15 12.61
CA ASN C 101 20.25 10.10 13.60
C ASN C 101 18.74 10.35 13.43
N THR C 102 18.19 9.93 12.27
CA THR C 102 16.75 10.07 11.94
C THR C 102 15.92 8.83 12.25
N THR C 103 16.60 7.70 12.44
CA THR C 103 16.03 6.44 12.95
C THR C 103 16.99 6.31 14.10
N GLY C 104 16.85 5.37 15.02
CA GLY C 104 17.94 5.26 16.01
C GLY C 104 19.26 4.53 15.64
N VAL C 105 19.27 3.90 14.46
CA VAL C 105 20.19 2.75 14.16
C VAL C 105 21.67 3.06 14.39
N GLU C 106 22.38 2.12 15.02
CA GLU C 106 23.83 2.27 15.34
C GLU C 106 24.68 2.67 14.11
N LYS C 107 25.72 3.48 14.30
CA LYS C 107 26.61 3.88 13.15
C LYS C 107 27.50 2.72 12.73
N PRO C 108 27.34 2.25 11.49
CA PRO C 108 28.25 1.25 10.96
C PRO C 108 29.75 1.71 11.07
N LYS C 109 30.69 0.78 11.34
CA LYS C 109 32.13 1.06 11.33
C LYS C 109 32.68 1.22 9.90
N PHE C 110 32.07 0.51 8.94
CA PHE C 110 32.46 0.53 7.53
C PHE C 110 31.16 0.80 6.77
N LEU C 111 31.25 1.38 5.58
CA LEU C 111 30.03 1.68 4.80
C LEU C 111 29.39 0.35 4.48
N PRO C 112 28.14 0.23 4.78
CA PRO C 112 27.49 -1.05 4.43
C PRO C 112 27.04 -0.97 2.96
N ASP C 113 26.29 -1.97 2.51
CA ASP C 113 25.78 -1.93 1.14
C ASP C 113 24.42 -1.33 0.83
N LEU C 114 23.42 -1.57 1.68
CA LEU C 114 22.12 -1.01 1.46
C LEU C 114 21.56 -0.59 2.81
N TYR C 115 20.51 0.21 2.77
CA TYR C 115 19.61 0.36 3.96
C TYR C 115 18.22 -0.03 3.55
N ASP C 116 17.60 -0.83 4.39
CA ASP C 116 16.22 -1.38 4.15
C ASP C 116 15.30 -0.55 5.06
N TYR C 117 14.53 0.35 4.45
CA TYR C 117 13.55 1.22 5.16
C TYR C 117 12.38 0.49 5.77
N LYS C 118 12.15 -0.72 5.32
CA LYS C 118 11.05 -1.52 5.82
C LYS C 118 11.43 -2.19 7.11
N GLU C 119 12.56 -2.87 7.12
CA GLU C 119 13.07 -3.58 8.25
C GLU C 119 13.94 -2.68 9.15
N ASN C 120 14.16 -1.44 8.69
CA ASN C 120 15.00 -0.45 9.39
C ASN C 120 16.34 -0.98 9.86
N ARG C 121 17.18 -1.44 8.91
CA ARG C 121 18.50 -1.88 9.24
C ARG C 121 19.37 -1.83 7.98
N PHE C 122 20.68 -1.71 8.24
CA PHE C 122 21.70 -1.74 7.14
C PHE C 122 21.92 -3.16 6.79
N ILE C 123 22.39 -3.34 5.55
CA ILE C 123 22.68 -4.65 4.99
C ILE C 123 24.06 -4.61 4.37
N GLU C 124 24.84 -5.63 4.71
CA GLU C 124 26.10 -5.97 4.01
C GLU C 124 25.79 -7.21 3.16
N ILE C 125 26.03 -7.08 1.86
CA ILE C 125 25.85 -8.21 0.89
C ILE C 125 27.21 -8.76 0.54
N GLY C 126 27.36 -10.06 0.52
CA GLY C 126 28.60 -10.66 0.00
C GLY C 126 28.28 -11.69 -1.07
N VAL C 127 29.23 -11.89 -1.99
CA VAL C 127 29.13 -12.96 -2.92
C VAL C 127 30.45 -13.70 -2.85
N THR C 128 30.39 -15.01 -2.65
CA THR C 128 31.58 -15.83 -2.51
C THR C 128 31.70 -16.95 -3.53
N ARG C 129 32.97 -17.23 -3.94
CA ARG C 129 33.30 -18.45 -4.70
C ARG C 129 33.66 -19.62 -3.77
N ARG C 130 33.68 -19.39 -2.48
CA ARG C 130 33.90 -20.49 -1.54
C ARG C 130 32.63 -20.76 -0.75
N GLU C 131 32.76 -21.16 0.51
CA GLU C 131 31.61 -21.65 1.27
C GLU C 131 30.90 -20.47 1.92
N VAL C 132 29.58 -20.39 1.85
CA VAL C 132 28.88 -19.22 2.40
C VAL C 132 29.08 -18.97 3.91
N HIS C 133 29.10 -20.04 4.70
CA HIS C 133 29.30 -19.94 6.15
C HIS C 133 30.62 -19.25 6.47
N THR C 134 31.69 -19.72 5.84
CA THR C 134 33.02 -19.12 5.94
C THR C 134 32.99 -17.61 5.64
N TYR C 135 32.47 -17.28 4.46
CA TYR C 135 32.35 -15.89 4.02
C TYR C 135 31.52 -15.08 4.95
N TYR C 136 30.36 -15.61 5.38
CA TYR C 136 29.52 -14.94 6.39
C TYR C 136 30.37 -14.51 7.61
N LEU C 137 31.13 -15.48 8.10
CA LEU C 137 31.94 -15.26 9.33
C LEU C 137 33.03 -14.21 9.14
N GLU C 138 33.69 -14.20 7.97
CA GLU C 138 34.67 -13.17 7.63
C GLU C 138 34.06 -11.81 7.67
N LYS C 139 32.89 -11.67 7.04
CA LYS C 139 32.17 -10.41 7.05
C LYS C 139 31.76 -9.95 8.46
N ALA C 140 31.24 -10.88 9.25
CA ALA C 140 30.81 -10.65 10.58
C ALA C 140 32.03 -10.16 11.42
N ASN C 141 33.14 -10.86 11.24
CA ASN C 141 34.36 -10.52 11.96
C ASN C 141 34.92 -9.17 11.58
N LYS C 142 34.68 -8.74 10.35
CA LYS C 142 35.11 -7.40 9.91
C LYS C 142 34.24 -6.29 10.48
N ILE C 143 32.92 -6.36 10.30
CA ILE C 143 32.06 -5.20 10.62
C ILE C 143 31.78 -4.99 12.09
N LYS C 144 31.96 -6.04 12.89
CA LYS C 144 31.72 -6.07 14.34
C LYS C 144 30.42 -5.35 14.66
N SER C 145 29.37 -6.15 14.57
CA SER C 145 28.15 -5.91 13.91
C SER C 145 26.97 -6.43 14.69
N GLU C 146 26.32 -5.72 15.61
CA GLU C 146 25.11 -6.37 16.12
C GLU C 146 23.76 -5.99 15.48
N LYS C 147 23.75 -4.95 14.70
CA LYS C 147 22.51 -4.49 14.13
C LYS C 147 22.58 -4.70 12.63
N THR C 148 23.79 -4.68 12.07
CA THR C 148 23.92 -4.77 10.60
C THR C 148 23.59 -6.18 10.09
N HIS C 149 22.67 -6.26 9.13
CA HIS C 149 22.24 -7.54 8.62
C HIS C 149 23.24 -8.02 7.55
N ILE C 150 23.56 -9.30 7.53
CA ILE C 150 24.50 -9.84 6.53
C ILE C 150 23.74 -10.84 5.64
N HIS C 151 23.87 -10.69 4.32
CA HIS C 151 23.33 -11.68 3.39
C HIS C 151 24.41 -12.08 2.39
N ILE C 152 24.77 -13.34 2.45
CA ILE C 152 25.80 -13.88 1.55
C ILE C 152 25.13 -14.76 0.49
N PHE C 153 25.58 -14.56 -0.74
CA PHE C 153 25.21 -15.48 -1.84
C PHE C 153 26.44 -16.21 -2.41
N SER C 154 26.25 -17.40 -2.97
CA SER C 154 27.38 -18.03 -3.71
C SER C 154 27.12 -18.23 -5.19
N PHE C 155 28.09 -18.77 -5.92
CA PHE C 155 27.83 -19.07 -7.33
C PHE C 155 27.12 -20.40 -7.58
N THR C 156 26.88 -21.12 -6.49
CA THR C 156 26.36 -22.48 -6.48
C THR C 156 24.92 -22.52 -5.99
N GLY C 157 24.29 -21.36 -5.80
CA GLY C 157 22.89 -21.31 -5.37
C GLY C 157 22.69 -21.26 -3.86
N GLU C 158 23.78 -21.35 -3.10
CA GLU C 158 23.78 -21.33 -1.64
C GLU C 158 23.68 -19.89 -1.09
N GLU C 159 23.08 -19.75 0.07
CA GLU C 159 22.98 -18.41 0.73
C GLU C 159 23.04 -18.58 2.25
N MET C 160 23.45 -17.54 2.95
CA MET C 160 23.37 -17.50 4.41
C MET C 160 23.08 -16.07 4.82
N ALA C 161 22.14 -15.91 5.75
CA ALA C 161 21.73 -14.58 6.18
C ALA C 161 21.56 -14.53 7.70
N THR C 162 21.79 -13.35 8.24
CA THR C 162 21.71 -13.09 9.65
C THR C 162 20.38 -13.62 10.21
N LYS C 163 20.50 -14.47 11.23
CA LYS C 163 19.36 -15.02 12.00
C LYS C 163 18.39 -15.80 11.09
N ALA C 164 18.91 -16.38 10.02
CA ALA C 164 18.03 -17.01 8.98
C ALA C 164 16.86 -16.16 8.59
N ASP C 165 17.10 -14.85 8.48
CA ASP C 165 16.14 -13.88 8.03
C ASP C 165 16.62 -13.34 6.66
N TYR C 166 15.90 -13.72 5.59
CA TYR C 166 16.43 -13.58 4.23
C TYR C 166 16.02 -12.32 3.51
N THR C 167 15.20 -11.51 4.20
CA THR C 167 14.68 -10.24 3.69
C THR C 167 13.75 -10.16 2.46
N LEU C 168 14.22 -10.67 1.33
CA LEU C 168 13.53 -10.59 0.08
C LEU C 168 12.76 -11.90 -0.07
N ASP C 169 11.76 -11.85 -0.93
CA ASP C 169 11.03 -13.09 -1.23
C ASP C 169 11.85 -14.03 -2.15
N GLU C 170 11.39 -15.28 -2.17
CA GLU C 170 12.06 -16.32 -2.92
C GLU C 170 12.25 -16.04 -4.35
N GLU C 171 11.28 -15.36 -5.01
CA GLU C 171 11.37 -15.19 -6.47
C GLU C 171 12.48 -14.17 -6.74
N SER C 172 12.52 -13.15 -5.90
CA SER C 172 13.55 -12.16 -6.04
C SER C 172 14.99 -12.73 -5.82
N ARG C 173 15.18 -13.59 -4.82
CA ARG C 173 16.48 -14.24 -4.52
C ARG C 173 16.84 -15.25 -5.62
N ALA C 174 15.82 -15.95 -6.12
CA ALA C 174 16.08 -16.83 -7.28
C ALA C 174 16.69 -16.13 -8.51
N ARG C 175 16.22 -14.93 -8.82
CA ARG C 175 16.72 -14.12 -9.89
C ARG C 175 18.18 -13.71 -9.71
N ILE C 176 18.53 -13.37 -8.47
CA ILE C 176 19.99 -13.16 -8.12
C ILE C 176 20.79 -14.48 -8.24
N LYS C 177 20.28 -15.55 -7.63
CA LYS C 177 20.97 -16.83 -7.68
C LYS C 177 21.19 -17.33 -9.15
N THR C 178 20.18 -17.10 -10.03
CA THR C 178 20.20 -17.49 -11.43
C THR C 178 21.22 -16.63 -12.23
N ARG C 179 21.30 -15.35 -11.90
CA ARG C 179 22.32 -14.51 -12.51
C ARG C 179 23.70 -15.01 -12.12
N LEU C 180 23.92 -15.33 -10.82
CA LEU C 180 25.22 -15.78 -10.35
C LEU C 180 25.60 -17.12 -11.04
N PHE C 181 24.61 -18.04 -11.10
CA PHE C 181 24.77 -19.27 -11.91
C PHE C 181 25.25 -18.99 -13.30
N THR C 182 24.60 -18.06 -13.96
CA THR C 182 24.88 -17.75 -15.34
C THR C 182 26.29 -17.17 -15.51
N ILE C 183 26.64 -16.25 -14.63
CA ILE C 183 28.03 -15.74 -14.69
C ILE C 183 29.06 -16.89 -14.58
N ARG C 184 28.83 -17.76 -13.62
CA ARG C 184 29.70 -18.89 -13.35
C ARG C 184 29.79 -19.87 -14.56
N GLN C 185 28.63 -20.16 -15.15
CA GLN C 185 28.60 -20.93 -16.41
C GLN C 185 29.35 -20.26 -17.56
N GLU C 186 29.16 -18.95 -17.76
CA GLU C 186 29.94 -18.27 -18.82
C GLU C 186 31.43 -18.36 -18.61
N MET C 187 31.86 -18.19 -17.36
CA MET C 187 33.29 -18.30 -17.04
C MET C 187 33.80 -19.74 -17.29
N ALA C 188 33.03 -20.72 -16.79
CA ALA C 188 33.32 -22.17 -16.98
C ALA C 188 33.49 -22.52 -18.42
N SER C 189 32.59 -22.00 -19.27
CA SER C 189 32.60 -22.30 -20.71
C SER C 189 33.85 -21.66 -21.36
N ARG C 190 34.34 -20.59 -20.76
CA ARG C 190 35.53 -19.88 -21.24
C ARG C 190 36.82 -20.36 -20.57
N GLY C 191 36.71 -21.26 -19.61
CA GLY C 191 37.86 -21.80 -18.88
C GLY C 191 38.50 -20.81 -17.94
N LEU C 192 37.71 -19.82 -17.51
CA LEU C 192 38.10 -18.75 -16.57
C LEU C 192 37.70 -19.04 -15.12
N TRP C 193 36.71 -19.93 -14.91
CA TRP C 193 36.10 -20.18 -13.61
C TRP C 193 37.07 -20.73 -12.62
N ASP C 194 37.88 -21.69 -13.08
CA ASP C 194 38.81 -22.35 -12.18
C ASP C 194 39.77 -21.33 -11.53
N SER C 195 40.37 -20.44 -12.33
CA SER C 195 41.31 -19.40 -11.80
C SER C 195 40.54 -18.40 -10.94
N PHE C 196 39.40 -17.93 -11.45
CA PHE C 196 38.53 -17.09 -10.63
C PHE C 196 38.18 -17.68 -9.27
N ARG C 197 37.70 -18.92 -9.24
CA ARG C 197 37.38 -19.52 -7.96
C ARG C 197 38.62 -19.62 -7.01
N GLN C 198 39.77 -20.01 -7.55
CA GLN C 198 40.97 -20.26 -6.69
C GLN C 198 41.51 -18.99 -6.01
N SER C 199 41.32 -17.84 -6.66
CA SER C 199 41.84 -16.55 -6.22
C SER C 199 41.15 -15.85 -5.03
N GLU C 200 40.00 -16.36 -4.58
CA GLU C 200 39.29 -15.67 -3.50
C GLU C 200 40.05 -15.66 -2.16
N ARG C 201 40.22 -14.45 -1.64
CA ARG C 201 41.03 -14.20 -0.46
C ARG C 201 40.22 -14.40 0.83
N GLY C 202 40.91 -14.31 1.97
CA GLY C 202 40.28 -14.36 3.30
C GLY C 202 39.88 -12.97 3.77
N PRO D 2 -26.17 11.27 47.31
CA PRO D 2 -26.72 10.86 45.98
C PRO D 2 -25.83 9.82 45.35
N LEU D 3 -26.45 8.68 45.04
CA LEU D 3 -25.72 7.54 44.56
C LEU D 3 -26.33 7.07 43.27
N GLY D 4 -25.60 7.27 42.18
CA GLY D 4 -26.11 6.86 40.85
C GLY D 4 -25.83 5.37 40.63
N SER D 5 -26.49 4.82 39.63
CA SER D 5 -26.34 3.44 39.33
C SER D 5 -25.12 3.25 38.37
N MET D 6 -24.51 2.07 38.42
CA MET D 6 -23.49 1.66 37.39
C MET D 6 -23.99 1.85 35.97
N GLU D 7 -25.22 1.40 35.66
CA GLU D 7 -25.77 1.62 34.32
C GLU D 7 -25.82 3.06 33.82
N ASP D 8 -26.34 3.99 34.62
CA ASP D 8 -26.24 5.40 34.27
C ASP D 8 -24.80 5.93 34.08
N PHE D 9 -23.85 5.41 34.87
CA PHE D 9 -22.46 5.83 34.74
C PHE D 9 -21.97 5.42 33.35
N VAL D 10 -22.23 4.17 32.96
CA VAL D 10 -21.79 3.67 31.66
C VAL D 10 -22.38 4.54 30.51
N ARG D 11 -23.70 4.80 30.57
CA ARG D 11 -24.34 5.61 29.51
C ARG D 11 -23.81 7.04 29.40
N GLN D 12 -23.28 7.55 30.50
CA GLN D 12 -22.72 8.91 30.50
C GLN D 12 -21.17 8.90 30.23
N CYS D 13 -20.49 7.84 30.66
CA CYS D 13 -19.01 7.80 30.70
C CYS D 13 -18.41 7.54 29.32
N PHE D 14 -19.11 6.70 28.54
CA PHE D 14 -18.61 6.23 27.29
C PHE D 14 -19.36 6.90 26.14
N ASN D 15 -18.67 6.96 25.01
CA ASN D 15 -19.15 7.53 23.76
C ASN D 15 -20.36 6.68 23.32
N PRO D 16 -21.43 7.35 22.80
CA PRO D 16 -22.61 6.60 22.35
C PRO D 16 -22.32 5.45 21.39
N MET D 17 -21.39 5.63 20.44
CA MET D 17 -20.97 4.53 19.52
C MET D 17 -20.49 3.29 20.28
N ILE D 18 -19.67 3.52 21.30
CA ILE D 18 -19.17 2.43 22.17
C ILE D 18 -20.30 1.78 22.92
N VAL D 19 -21.13 2.58 23.57
CA VAL D 19 -22.29 2.08 24.27
C VAL D 19 -23.17 1.23 23.35
N GLU D 20 -23.42 1.73 22.14
CA GLU D 20 -24.27 0.98 21.19
C GLU D 20 -23.64 -0.36 20.81
N LEU D 21 -22.32 -0.36 20.59
CA LEU D 21 -21.64 -1.64 20.27
C LEU D 21 -21.69 -2.62 21.42
N ALA D 22 -21.62 -2.08 22.65
CA ALA D 22 -21.64 -2.94 23.86
C ALA D 22 -22.98 -3.64 24.04
N GLU D 23 -24.06 -2.88 23.85
CA GLU D 23 -25.41 -3.40 24.02
C GLU D 23 -25.66 -4.45 22.98
N LYS D 24 -25.30 -4.13 21.74
CA LYS D 24 -25.24 -5.11 20.63
C LYS D 24 -24.47 -6.37 20.98
N ALA D 25 -23.26 -6.25 21.53
CA ALA D 25 -22.52 -7.45 21.91
C ALA D 25 -23.24 -8.19 23.00
N MET D 26 -23.89 -7.46 23.92
CA MET D 26 -24.59 -8.19 24.99
C MET D 26 -25.89 -8.83 24.47
N LYS D 27 -26.64 -8.08 23.69
CA LYS D 27 -27.90 -8.56 23.04
C LYS D 27 -27.70 -9.76 22.10
N GLU D 28 -26.58 -9.79 21.39
CA GLU D 28 -26.22 -11.00 20.62
C GLU D 28 -26.22 -12.26 21.50
N TYR D 29 -26.02 -12.08 22.81
CA TYR D 29 -25.82 -13.19 23.74
C TYR D 29 -27.01 -13.33 24.73
N GLY D 30 -27.98 -12.44 24.56
CA GLY D 30 -29.21 -12.43 25.35
C GLY D 30 -29.04 -11.79 26.71
N GLU D 31 -27.92 -11.09 26.91
CA GLU D 31 -27.67 -10.34 28.17
C GLU D 31 -28.24 -8.96 28.11
N ASP D 32 -28.77 -8.55 29.26
CA ASP D 32 -29.41 -7.27 29.39
C ASP D 32 -28.42 -6.32 30.07
N PRO D 33 -28.12 -5.20 29.45
CA PRO D 33 -27.21 -4.23 30.06
C PRO D 33 -27.76 -3.73 31.41
N LYS D 34 -29.06 -3.91 31.62
CA LYS D 34 -29.71 -3.31 32.80
C LYS D 34 -29.63 -4.22 33.98
N ILE D 35 -29.16 -5.43 33.73
CA ILE D 35 -29.01 -6.37 34.78
C ILE D 35 -27.55 -6.72 35.00
N GLU D 36 -26.84 -6.96 33.90
CA GLU D 36 -25.49 -7.44 34.03
C GLU D 36 -24.62 -6.21 33.86
N THR D 37 -24.68 -5.39 34.88
CA THR D 37 -24.29 -4.02 34.73
C THR D 37 -22.79 -3.91 34.85
N ASN D 38 -22.14 -4.80 35.62
CA ASN D 38 -20.68 -4.81 35.68
C ASN D 38 -20.13 -5.32 34.33
N LYS D 39 -20.80 -6.30 33.75
CA LYS D 39 -20.29 -6.80 32.48
C LYS D 39 -20.48 -5.74 31.42
N PHE D 40 -21.55 -4.93 31.53
CA PHE D 40 -21.79 -3.80 30.62
C PHE D 40 -20.60 -2.84 30.65
N ALA D 41 -20.27 -2.39 31.85
CA ALA D 41 -19.08 -1.53 32.03
C ALA D 41 -17.81 -2.17 31.42
N ALA D 42 -17.61 -3.44 31.73
CA ALA D 42 -16.37 -4.13 31.26
C ALA D 42 -16.29 -4.21 29.74
N ILE D 43 -17.42 -4.51 29.08
CA ILE D 43 -17.44 -4.56 27.64
C ILE D 43 -17.22 -3.20 27.00
N CYS D 44 -17.82 -2.14 27.56
CA CYS D 44 -17.54 -0.83 27.00
C CYS D 44 -16.06 -0.52 27.11
N THR D 45 -15.51 -0.88 28.27
CA THR D 45 -14.10 -0.55 28.54
C THR D 45 -13.20 -1.25 27.48
N HIS D 46 -13.40 -2.52 27.41
CA HIS D 46 -12.74 -3.35 26.42
C HIS D 46 -12.87 -2.89 24.97
N LEU D 47 -14.10 -2.56 24.52
CA LEU D 47 -14.23 -2.05 23.19
C LEU D 47 -13.42 -0.78 23.01
N GLU D 48 -13.52 0.12 23.98
CA GLU D 48 -12.77 1.39 23.88
C GLU D 48 -11.30 1.16 23.72
N VAL D 49 -10.76 0.29 24.54
CA VAL D 49 -9.35 -0.07 24.43
C VAL D 49 -8.99 -0.70 23.10
N CYS D 50 -9.75 -1.71 22.65
CA CYS D 50 -9.52 -2.27 21.30
C CYS D 50 -9.47 -1.18 20.21
N PHE D 51 -10.43 -0.24 20.24
CA PHE D 51 -10.44 0.81 19.27
C PHE D 51 -9.24 1.76 19.31
N MET D 52 -8.88 2.11 20.52
CA MET D 52 -7.67 2.93 20.74
C MET D 52 -6.43 2.22 20.25
N TYR D 53 -6.34 0.94 20.54
CA TYR D 53 -5.12 0.13 20.28
C TYR D 53 -4.90 0.11 18.81
N SER D 54 -5.99 -0.08 18.08
CA SER D 54 -5.97 0.14 16.67
C SER D 54 -6.35 1.61 16.43
N ARG D 80 -2.70 -0.52 9.67
CA ARG D 80 -1.88 -1.57 10.29
C ARG D 80 -2.72 -2.67 10.98
N PHE D 81 -3.83 -2.28 11.60
CA PHE D 81 -4.59 -3.27 12.39
C PHE D 81 -5.97 -3.49 11.77
N GLU D 82 -6.50 -4.72 11.85
CA GLU D 82 -7.91 -4.95 11.57
C GLU D 82 -8.59 -5.09 12.92
N ILE D 83 -9.77 -4.50 13.11
CA ILE D 83 -10.49 -4.71 14.36
C ILE D 83 -11.53 -5.82 14.15
N ILE D 84 -11.49 -6.81 15.03
CA ILE D 84 -12.34 -7.97 14.95
C ILE D 84 -13.43 -7.82 16.03
N GLU D 85 -13.01 -7.31 17.18
CA GLU D 85 -13.94 -7.01 18.27
C GLU D 85 -14.95 -5.95 17.83
N GLY D 86 -16.17 -6.02 18.32
CA GLY D 86 -17.14 -4.98 17.99
C GLY D 86 -18.05 -5.38 16.79
N ARG D 87 -17.76 -6.49 16.15
CA ARG D 87 -18.58 -6.97 15.00
C ARG D 87 -19.44 -8.05 15.54
N ASP D 88 -20.60 -8.32 14.92
CA ASP D 88 -21.34 -9.52 15.32
C ASP D 88 -20.57 -10.78 14.84
N ARG D 89 -20.95 -11.93 15.36
CA ARG D 89 -20.20 -13.18 15.16
C ARG D 89 -19.95 -13.46 13.69
N THR D 90 -20.97 -13.24 12.85
CA THR D 90 -20.83 -13.57 11.44
C THR D 90 -19.80 -12.66 10.79
N MET D 91 -19.89 -11.37 11.06
CA MET D 91 -18.96 -10.41 10.48
C MET D 91 -17.53 -10.65 10.99
N ALA D 92 -17.44 -10.95 12.29
CA ALA D 92 -16.15 -11.20 12.98
C ALA D 92 -15.44 -12.37 12.28
N TRP D 93 -16.15 -13.49 12.11
CA TRP D 93 -15.55 -14.64 11.46
C TRP D 93 -15.27 -14.38 10.02
N THR D 94 -16.11 -13.60 9.28
CA THR D 94 -15.76 -13.34 7.87
C THR D 94 -14.46 -12.54 7.68
N VAL D 95 -14.21 -11.59 8.59
CA VAL D 95 -12.92 -10.88 8.61
C VAL D 95 -11.74 -11.81 8.99
N VAL D 96 -11.89 -12.66 9.99
CA VAL D 96 -10.83 -13.58 10.39
C VAL D 96 -10.55 -14.51 9.19
N ASN D 97 -11.63 -15.07 8.62
CA ASN D 97 -11.39 -15.98 7.48
C ASN D 97 -10.72 -15.31 6.30
N SER D 98 -11.07 -14.07 6.01
CA SER D 98 -10.43 -13.35 4.90
C SER D 98 -8.95 -13.13 5.13
N ILE D 99 -8.61 -12.69 6.36
CA ILE D 99 -7.21 -12.61 6.77
C ILE D 99 -6.52 -13.94 6.58
N CYS D 100 -7.13 -15.03 7.05
CA CYS D 100 -6.48 -16.35 6.99
C CYS D 100 -6.29 -16.74 5.52
N ASN D 101 -7.27 -16.46 4.68
CA ASN D 101 -7.05 -16.94 3.29
C ASN D 101 -6.07 -16.10 2.50
N THR D 102 -5.93 -14.83 2.89
CA THR D 102 -5.06 -13.90 2.20
C THR D 102 -3.63 -13.95 2.71
N THR D 103 -3.45 -13.92 4.03
CA THR D 103 -2.08 -13.94 4.54
C THR D 103 -1.63 -15.35 4.75
N GLY D 104 -2.60 -16.29 4.80
CA GLY D 104 -2.22 -17.64 5.10
C GLY D 104 -2.17 -18.05 6.55
N VAL D 105 -2.26 -17.11 7.50
CA VAL D 105 -1.92 -17.46 8.86
C VAL D 105 -2.98 -18.47 9.38
N GLU D 106 -2.61 -19.22 10.40
CA GLU D 106 -3.47 -20.21 11.05
C GLU D 106 -4.75 -19.60 11.56
N LYS D 107 -5.87 -20.25 11.29
CA LYS D 107 -7.13 -19.77 11.85
C LYS D 107 -7.21 -20.04 13.32
N PRO D 108 -7.58 -19.00 14.11
CA PRO D 108 -7.60 -19.19 15.57
C PRO D 108 -8.86 -19.99 15.96
N LYS D 109 -8.80 -20.62 17.12
CA LYS D 109 -9.93 -21.43 17.60
C LYS D 109 -10.99 -20.50 18.22
N PHE D 110 -10.54 -19.40 18.84
CA PHE D 110 -11.46 -18.38 19.38
C PHE D 110 -11.26 -17.06 18.68
N LEU D 111 -12.35 -16.31 18.45
CA LEU D 111 -12.29 -14.99 17.86
C LEU D 111 -11.32 -14.16 18.70
N PRO D 112 -10.29 -13.63 18.06
CA PRO D 112 -9.38 -12.66 18.72
C PRO D 112 -9.93 -11.26 18.65
N ASP D 113 -9.16 -10.25 19.07
CA ASP D 113 -9.66 -8.92 19.04
C ASP D 113 -9.20 -8.09 17.87
N LEU D 114 -7.94 -8.29 17.44
CA LEU D 114 -7.34 -7.49 16.39
C LEU D 114 -6.46 -8.39 15.52
N TYR D 115 -6.11 -7.90 14.34
CA TYR D 115 -5.00 -8.55 13.59
C TYR D 115 -3.96 -7.51 13.26
N ASP D 116 -2.71 -7.81 13.50
CA ASP D 116 -1.60 -6.83 13.26
C ASP D 116 -0.93 -7.25 11.91
N TYR D 117 -1.08 -6.43 10.90
CA TYR D 117 -0.46 -6.71 9.57
C TYR D 117 1.03 -6.49 9.56
N LYS D 118 1.56 -5.82 10.56
CA LYS D 118 2.98 -5.52 10.61
C LYS D 118 3.75 -6.66 11.29
N GLU D 119 3.30 -7.12 12.47
CA GLU D 119 3.89 -8.30 13.12
C GLU D 119 3.28 -9.59 12.63
N ASN D 120 2.35 -9.49 11.66
CA ASN D 120 1.48 -10.58 11.15
C ASN D 120 0.98 -11.61 12.15
N ARG D 121 0.07 -11.23 13.07
CA ARG D 121 -0.35 -12.11 14.14
C ARG D 121 -1.65 -11.47 14.64
N PHE D 122 -2.56 -12.34 15.05
CA PHE D 122 -3.78 -11.94 15.82
C PHE D 122 -3.40 -11.53 17.23
N ILE D 123 -4.23 -10.64 17.82
CA ILE D 123 -3.97 -10.13 19.16
C ILE D 123 -5.24 -10.30 20.02
N GLU D 124 -5.06 -10.82 21.24
CA GLU D 124 -6.15 -10.81 22.27
C GLU D 124 -5.86 -9.65 23.24
N ILE D 125 -6.82 -8.75 23.45
CA ILE D 125 -6.60 -7.56 24.34
C ILE D 125 -7.39 -7.95 25.60
N GLY D 126 -6.78 -7.84 26.78
CA GLY D 126 -7.67 -7.90 27.99
C GLY D 126 -7.54 -6.65 28.82
N VAL D 127 -8.63 -6.34 29.53
CA VAL D 127 -8.60 -5.27 30.51
C VAL D 127 -9.02 -5.89 31.85
N THR D 128 -8.22 -5.75 32.90
CA THR D 128 -8.55 -6.37 34.16
C THR D 128 -8.63 -5.33 35.31
N ARG D 129 -9.56 -5.58 36.26
CA ARG D 129 -9.56 -4.87 37.52
C ARG D 129 -8.71 -5.58 38.58
N ARG D 130 -8.06 -6.68 38.22
CA ARG D 130 -7.24 -7.52 39.13
C ARG D 130 -5.78 -7.28 38.72
N GLU D 131 -4.90 -8.23 39.01
CA GLU D 131 -3.49 -8.03 38.65
C GLU D 131 -3.35 -8.50 37.23
N VAL D 132 -2.49 -7.82 36.47
CA VAL D 132 -2.36 -8.12 35.06
C VAL D 132 -1.82 -9.47 34.75
N HIS D 133 -0.83 -9.95 35.53
CA HIS D 133 -0.26 -11.27 35.24
C HIS D 133 -1.31 -12.37 35.46
N THR D 134 -2.17 -12.23 36.46
CA THR D 134 -3.27 -13.20 36.63
C THR D 134 -4.21 -13.30 35.42
N TYR D 135 -4.68 -12.16 34.92
CA TYR D 135 -5.50 -12.16 33.69
C TYR D 135 -4.74 -12.61 32.46
N TYR D 136 -3.49 -12.15 32.27
CA TYR D 136 -2.65 -12.71 31.22
C TYR D 136 -2.56 -14.24 31.22
N LEU D 137 -2.29 -14.79 32.40
CA LEU D 137 -2.10 -16.22 32.46
C LEU D 137 -3.38 -16.98 32.14
N GLU D 138 -4.48 -16.52 32.74
CA GLU D 138 -5.86 -16.95 32.36
C GLU D 138 -6.06 -17.03 30.86
N LYS D 139 -5.67 -15.97 30.15
CA LYS D 139 -5.88 -15.88 28.72
C LYS D 139 -4.99 -16.88 27.97
N ALA D 140 -3.74 -16.94 28.39
CA ALA D 140 -2.74 -17.85 27.83
C ALA D 140 -3.11 -19.32 28.10
N ASN D 141 -3.94 -19.54 29.09
CA ASN D 141 -4.54 -20.83 29.42
C ASN D 141 -5.59 -21.21 28.38
N LYS D 142 -6.55 -20.32 28.21
CA LYS D 142 -7.79 -20.57 27.49
C LYS D 142 -7.46 -20.60 26.00
N ILE D 143 -6.94 -19.50 25.49
CA ILE D 143 -6.83 -19.44 24.04
C ILE D 143 -5.84 -20.48 23.58
N LYS D 144 -5.13 -21.07 24.54
CA LYS D 144 -4.12 -22.10 24.26
C LYS D 144 -3.41 -21.65 23.01
N SER D 145 -2.95 -20.39 23.08
CA SER D 145 -2.30 -19.74 21.96
C SER D 145 -1.05 -20.47 21.59
N GLU D 146 -0.11 -19.67 21.11
CA GLU D 146 1.17 -20.09 20.60
C GLU D 146 1.49 -18.88 19.73
N LYS D 147 0.47 -18.40 19.04
CA LYS D 147 0.68 -17.41 18.02
C LYS D 147 -0.30 -16.25 18.09
N THR D 148 -1.34 -16.33 18.93
CA THR D 148 -2.15 -15.15 19.26
C THR D 148 -1.50 -14.36 20.43
N HIS D 149 -0.96 -13.21 20.09
CA HIS D 149 -0.25 -12.38 21.01
C HIS D 149 -1.29 -11.83 22.00
N ILE D 150 -0.91 -11.69 23.27
CA ILE D 150 -1.82 -11.18 24.28
C ILE D 150 -1.29 -9.86 24.85
N HIS D 151 -2.20 -8.89 25.11
CA HIS D 151 -1.73 -7.63 25.71
C HIS D 151 -2.85 -7.27 26.71
N ILE D 152 -2.47 -7.25 27.99
CA ILE D 152 -3.40 -6.97 29.08
C ILE D 152 -3.09 -5.54 29.61
N PHE D 153 -4.16 -4.82 29.94
CA PHE D 153 -4.08 -3.55 30.60
C PHE D 153 -4.88 -3.63 31.92
N SER D 154 -4.40 -2.93 32.96
CA SER D 154 -5.26 -2.78 34.15
C SER D 154 -5.79 -1.39 34.25
N PHE D 155 -6.69 -1.18 35.19
CA PHE D 155 -7.18 0.16 35.43
C PHE D 155 -6.24 0.94 36.33
N THR D 156 -5.28 0.23 36.92
CA THR D 156 -4.25 0.91 37.70
C THR D 156 -3.05 1.43 36.89
N GLY D 157 -3.04 1.18 35.59
CA GLY D 157 -1.98 1.69 34.80
C GLY D 157 -0.92 0.67 34.38
N GLU D 158 -0.96 -0.54 34.95
CA GLU D 158 -0.03 -1.63 34.64
C GLU D 158 -0.40 -2.34 33.31
N GLU D 159 0.57 -3.04 32.72
CA GLU D 159 0.30 -3.83 31.52
C GLU D 159 1.14 -5.05 31.51
N MET D 160 0.74 -6.06 30.74
CA MET D 160 1.65 -7.13 30.43
C MET D 160 1.32 -7.69 29.07
N ALA D 161 2.37 -7.98 28.31
CA ALA D 161 2.21 -8.50 26.96
C ALA D 161 3.10 -9.72 26.80
N THR D 162 2.63 -10.61 25.92
CA THR D 162 3.46 -11.77 25.51
C THR D 162 4.91 -11.44 25.25
N LYS D 163 5.78 -12.17 25.94
CA LYS D 163 7.25 -12.08 25.73
C LYS D 163 7.77 -10.70 25.89
N ALA D 164 7.08 -9.89 26.71
CA ALA D 164 7.46 -8.47 26.83
C ALA D 164 7.65 -7.73 25.56
N ASP D 165 6.79 -8.03 24.57
CA ASP D 165 6.82 -7.33 23.32
C ASP D 165 5.50 -6.58 23.27
N TYR D 166 5.54 -5.24 23.41
CA TYR D 166 4.37 -4.39 23.65
C TYR D 166 3.64 -3.88 22.45
N THR D 167 4.16 -4.22 21.26
CA THR D 167 3.54 -3.90 19.97
C THR D 167 3.42 -2.46 19.62
N LEU D 168 2.74 -1.68 20.47
CA LEU D 168 2.58 -0.26 20.27
C LEU D 168 3.69 0.50 20.96
N ASP D 169 3.90 1.68 20.48
CA ASP D 169 4.87 2.55 21.13
C ASP D 169 4.36 3.15 22.45
N GLU D 170 5.29 3.73 23.21
CA GLU D 170 4.94 4.27 24.51
C GLU D 170 3.89 5.37 24.51
N GLU D 171 3.79 6.20 23.48
CA GLU D 171 2.82 7.30 23.43
C GLU D 171 1.41 6.75 23.26
N SER D 172 1.29 5.73 22.41
CA SER D 172 -0.02 5.01 22.25
C SER D 172 -0.48 4.26 23.50
N ARG D 173 0.42 3.50 24.14
CA ARG D 173 0.11 2.87 25.37
C ARG D 173 -0.21 3.85 26.53
N ALA D 174 0.49 4.97 26.58
CA ALA D 174 0.12 5.98 27.60
C ALA D 174 -1.30 6.52 27.44
N ARG D 175 -1.74 6.66 26.18
CA ARG D 175 -3.07 7.19 25.88
C ARG D 175 -4.11 6.21 26.38
N ILE D 176 -3.86 4.93 26.16
CA ILE D 176 -4.75 3.88 26.71
C ILE D 176 -4.75 3.81 28.27
N LYS D 177 -3.53 3.76 28.85
CA LYS D 177 -3.43 3.65 30.31
C LYS D 177 -4.13 4.88 30.97
N THR D 178 -4.04 6.06 30.36
CA THR D 178 -4.64 7.33 30.92
C THR D 178 -6.19 7.27 30.84
N ARG D 179 -6.70 6.69 29.76
CA ARG D 179 -8.16 6.54 29.62
C ARG D 179 -8.65 5.58 30.72
N LEU D 180 -7.92 4.48 30.99
CA LEU D 180 -8.36 3.50 31.98
C LEU D 180 -8.25 4.05 33.44
N PHE D 181 -7.15 4.77 33.70
CA PHE D 181 -7.09 5.49 34.92
C PHE D 181 -8.29 6.44 35.16
N THR D 182 -8.72 7.22 34.14
CA THR D 182 -9.86 8.16 34.20
C THR D 182 -11.19 7.44 34.48
N ILE D 183 -11.41 6.33 33.79
CA ILE D 183 -12.55 5.46 34.11
C ILE D 183 -12.56 4.98 35.55
N ARG D 184 -11.44 4.47 36.06
CA ARG D 184 -11.38 3.98 37.42
C ARG D 184 -11.74 5.15 38.38
N GLN D 185 -11.12 6.30 38.13
CA GLN D 185 -11.39 7.55 38.84
C GLN D 185 -12.85 7.96 38.93
N GLU D 186 -13.52 8.10 37.78
CA GLU D 186 -14.90 8.46 37.77
C GLU D 186 -15.80 7.44 38.46
N MET D 187 -15.48 6.14 38.32
CA MET D 187 -16.17 5.10 39.11
C MET D 187 -15.90 5.26 40.62
N ALA D 188 -14.62 5.33 41.03
CA ALA D 188 -14.33 5.46 42.47
C ALA D 188 -14.94 6.74 43.13
N SER D 189 -15.01 7.82 42.36
CA SER D 189 -15.62 9.04 42.87
C SER D 189 -17.14 8.98 42.96
N ARG D 190 -17.76 7.99 42.32
CA ARG D 190 -19.21 7.81 42.36
C ARG D 190 -19.58 6.62 43.21
N GLY D 191 -18.59 6.03 43.89
CA GLY D 191 -18.79 4.91 44.81
C GLY D 191 -19.00 3.56 44.13
N LEU D 192 -18.50 3.42 42.91
CA LEU D 192 -18.85 2.27 42.04
C LEU D 192 -17.66 1.38 41.78
N TRP D 193 -16.47 1.89 42.12
CA TRP D 193 -15.24 1.17 41.75
C TRP D 193 -15.04 -0.12 42.54
N ASP D 194 -15.22 -0.06 43.87
CA ASP D 194 -14.83 -1.19 44.69
C ASP D 194 -15.55 -2.49 44.32
N SER D 195 -16.83 -2.35 44.00
CA SER D 195 -17.69 -3.50 43.65
C SER D 195 -17.50 -4.02 42.21
N PHE D 196 -17.33 -3.08 41.27
CA PHE D 196 -16.81 -3.43 39.93
C PHE D 196 -15.52 -4.26 40.03
N ARG D 197 -14.55 -3.74 40.79
CA ARG D 197 -13.35 -4.51 41.09
C ARG D 197 -13.68 -5.93 41.62
N GLN D 198 -14.46 -6.04 42.71
CA GLN D 198 -14.67 -7.36 43.33
C GLN D 198 -15.41 -8.38 42.46
N SER D 199 -16.18 -7.87 41.50
CA SER D 199 -17.01 -8.73 40.67
C SER D 199 -16.29 -9.48 39.53
N GLU D 200 -15.04 -9.10 39.21
CA GLU D 200 -14.40 -9.67 38.03
C GLU D 200 -14.36 -11.21 38.01
N ARG D 201 -13.85 -11.84 39.08
CA ARG D 201 -14.08 -13.29 39.25
C ARG D 201 -13.43 -14.11 38.10
N GLY D 202 -14.27 -14.61 37.18
CA GLY D 202 -13.80 -15.47 36.08
C GLY D 202 -14.96 -16.04 35.26
#